data_5HZ9
#
_entry.id   5HZ9
#
_cell.length_a   186.827
_cell.length_b   186.827
_cell.length_c   114.204
_cell.angle_alpha   90.000
_cell.angle_beta   90.000
_cell.angle_gamma   90.000
#
_symmetry.space_group_name_H-M   'P 43 21 2'
#
loop_
_entity.id
_entity.type
_entity.pdbx_description
1 polymer 'Fatty acid-binding protein, heart'
2 non-polymer 'SULFATE ION'
3 non-polymer '6-chloranyl-2-methyl-4-phenyl-quinoline-3-carboxylic acid'
4 non-polymer 'CHLORIDE ION'
5 water water
#
_entity_poly.entity_id   1
_entity_poly.type   'polypeptide(L)'
_entity_poly.pdbx_seq_one_letter_code
;SHMVDAFLGTWKLVDSKNFDDYMKSLGVGFATRQVASMTKPTTIIEKNGDILTLKTHSTFKNTEISFKLGVEFDETTADD
RKVKSIVTLDGGKLVHLQKWDGQETTLVRELIDGKLILTLTHGTAVCTRTYEKEA
;
_entity_poly.pdbx_strand_id   A,B,C,D,E,F,G,H
#
# COMPACT_ATOMS: atom_id res chain seq x y z
N SER A 1 -6.92 4.17 48.72
CA SER A 1 -7.38 5.36 49.41
C SER A 1 -8.90 5.38 49.56
N HIS A 2 -9.43 6.54 49.89
CA HIS A 2 -10.87 6.73 50.01
C HIS A 2 -11.44 7.12 48.65
N MET A 3 -10.56 7.60 47.77
CA MET A 3 -10.94 7.96 46.40
C MET A 3 -11.15 6.70 45.56
N VAL A 4 -10.32 5.69 45.84
CA VAL A 4 -10.41 4.42 45.14
C VAL A 4 -11.72 3.70 45.43
N ASP A 5 -12.20 3.80 46.66
CA ASP A 5 -13.41 3.07 47.05
C ASP A 5 -14.56 3.30 46.09
N ALA A 6 -14.57 4.47 45.44
CA ALA A 6 -15.67 4.84 44.57
C ALA A 6 -15.73 4.02 43.26
N PHE A 7 -14.58 3.47 42.87
CA PHE A 7 -14.45 2.67 41.66
C PHE A 7 -14.78 1.21 41.89
N LEU A 8 -14.87 0.81 43.15
CA LEU A 8 -15.07 -0.60 43.49
C LEU A 8 -16.44 -1.10 43.01
N GLY A 9 -16.46 -2.30 42.42
CA GLY A 9 -17.69 -2.91 41.95
C GLY A 9 -17.64 -3.50 40.56
N THR A 10 -18.82 -3.88 40.05
CA THR A 10 -18.96 -4.46 38.73
C THR A 10 -19.52 -3.42 37.76
N TRP A 11 -18.87 -3.26 36.61
CA TRP A 11 -19.24 -2.22 35.66
C TRP A 11 -19.52 -2.79 34.27
N LYS A 12 -20.62 -2.35 33.67
CA LYS A 12 -21.03 -2.84 32.35
C LYS A 12 -20.96 -1.73 31.29
N LEU A 13 -20.36 -2.04 30.15
CA LEU A 13 -20.27 -1.08 29.06
C LEU A 13 -21.66 -0.78 28.48
N VAL A 14 -21.99 0.51 28.41
CA VAL A 14 -23.24 0.94 27.83
C VAL A 14 -23.03 1.92 26.67
N ASP A 15 -21.78 2.31 26.42
CA ASP A 15 -21.51 3.17 25.27
C ASP A 15 -20.03 3.27 24.91
N SER A 16 -19.76 3.63 23.66
CA SER A 16 -18.42 3.63 23.13
C SER A 16 -18.25 4.61 21.99
N LYS A 17 -17.11 5.30 21.99
CA LYS A 17 -16.76 6.21 20.92
C LYS A 17 -15.30 6.01 20.53
N ASN A 18 -15.06 5.75 19.25
CA ASN A 18 -13.69 5.71 18.71
C ASN A 18 -12.82 4.55 19.16
N PHE A 19 -13.42 3.53 19.76
CA PHE A 19 -12.68 2.36 20.21
C PHE A 19 -12.01 1.64 19.04
N ASP A 20 -12.75 1.45 17.94
CA ASP A 20 -12.18 0.81 16.77
C ASP A 20 -10.94 1.57 16.29
N ASP A 21 -11.02 2.90 16.27
CA ASP A 21 -9.91 3.74 15.87
C ASP A 21 -8.70 3.59 16.82
N TYR A 22 -8.99 3.53 18.11
CA TYR A 22 -7.96 3.33 19.13
C TYR A 22 -7.20 2.03 18.88
N MET A 23 -7.94 0.93 18.77
CA MET A 23 -7.31 -0.37 18.50
C MET A 23 -6.49 -0.33 17.24
N LYS A 24 -7.04 0.29 16.19
CA LYS A 24 -6.29 0.44 14.94
C LYS A 24 -4.96 1.13 15.21
N SER A 25 -5.00 2.21 16.00
CA SER A 25 -3.80 2.98 16.33
C SER A 25 -2.74 2.10 16.99
N LEU A 26 -3.19 1.20 17.86
CA LEU A 26 -2.28 0.25 18.52
C LEU A 26 -1.78 -0.82 17.55
N GLY A 27 -2.44 -0.96 16.40
CA GLY A 27 -2.05 -1.94 15.41
C GLY A 27 -2.89 -3.21 15.36
N VAL A 28 -3.99 -3.25 16.11
CA VAL A 28 -4.92 -4.38 16.04
C VAL A 28 -5.61 -4.47 14.67
N GLY A 29 -5.42 -5.60 13.98
CA GLY A 29 -5.99 -5.77 12.65
C GLY A 29 -7.52 -5.77 12.57
N PHE A 30 -8.05 -5.33 11.44
CA PHE A 30 -9.50 -5.24 11.22
C PHE A 30 -10.30 -6.42 11.76
N ALA A 31 -9.81 -7.63 11.51
CA ALA A 31 -10.57 -8.82 11.90
C ALA A 31 -10.81 -8.87 13.41
N THR A 32 -9.76 -8.62 14.20
CA THR A 32 -9.90 -8.62 15.65
C THR A 32 -10.70 -7.42 16.15
N ARG A 33 -10.50 -6.27 15.50
CA ARG A 33 -11.25 -5.07 15.87
C ARG A 33 -12.76 -5.34 15.78
N GLN A 34 -13.20 -5.85 14.62
CA GLN A 34 -14.62 -6.20 14.44
C GLN A 34 -15.16 -7.02 15.61
N VAL A 35 -14.42 -8.03 16.03
CA VAL A 35 -14.83 -8.84 17.18
C VAL A 35 -14.83 -8.04 18.50
N ALA A 36 -13.76 -7.29 18.77
CA ALA A 36 -13.66 -6.63 20.05
C ALA A 36 -14.67 -5.47 20.13
N SER A 37 -14.85 -4.77 19.02
CA SER A 37 -15.86 -3.72 18.91
C SER A 37 -17.23 -4.25 19.26
N MET A 38 -17.56 -5.40 18.70
CA MET A 38 -18.90 -5.95 18.90
C MET A 38 -19.24 -6.25 20.37
N THR A 39 -18.25 -6.66 21.17
CA THR A 39 -18.56 -7.08 22.54
C THR A 39 -19.00 -5.93 23.44
N LYS A 40 -19.61 -6.27 24.56
CA LYS A 40 -20.02 -5.29 25.55
C LYS A 40 -19.56 -5.80 26.90
N PRO A 41 -18.27 -5.62 27.18
CA PRO A 41 -17.57 -6.30 28.28
C PRO A 41 -17.97 -5.78 29.65
N THR A 42 -17.64 -6.58 30.66
CA THR A 42 -17.87 -6.22 32.04
C THR A 42 -16.52 -6.11 32.73
N THR A 43 -16.32 -5.04 33.51
CA THR A 43 -15.10 -4.88 34.26
C THR A 43 -15.39 -4.88 35.75
N ILE A 44 -14.72 -5.78 36.47
CA ILE A 44 -14.83 -5.88 37.91
C ILE A 44 -13.62 -5.20 38.55
N ILE A 45 -13.87 -4.23 39.41
CA ILE A 45 -12.79 -3.59 40.15
C ILE A 45 -12.85 -3.94 41.64
N GLU A 46 -11.82 -4.60 42.14
CA GLU A 46 -11.80 -4.94 43.56
C GLU A 46 -10.51 -4.55 44.28
N LYS A 47 -10.62 -4.44 45.60
CA LYS A 47 -9.53 -4.03 46.46
C LYS A 47 -9.30 -5.12 47.49
N ASN A 48 -8.05 -5.38 47.83
CA ASN A 48 -7.71 -6.31 48.91
C ASN A 48 -6.53 -5.74 49.69
N GLY A 49 -6.84 -4.84 50.62
CA GLY A 49 -5.80 -4.09 51.29
C GLY A 49 -5.11 -3.19 50.29
N ASP A 50 -3.80 -3.37 50.15
CA ASP A 50 -2.98 -2.55 49.27
C ASP A 50 -3.14 -2.88 47.79
N ILE A 51 -3.66 -4.06 47.50
CA ILE A 51 -3.68 -4.57 46.12
C ILE A 51 -5.02 -4.38 45.42
N LEU A 52 -4.98 -3.66 44.29
CA LEU A 52 -6.14 -3.50 43.43
C LEU A 52 -6.13 -4.56 42.35
N THR A 53 -7.30 -5.13 42.10
CA THR A 53 -7.47 -6.09 41.01
C THR A 53 -8.49 -5.54 40.05
N LEU A 54 -8.24 -5.76 38.77
CA LEU A 54 -9.09 -5.24 37.73
C LEU A 54 -9.35 -6.37 36.74
N LYS A 55 -10.59 -6.82 36.66
CA LYS A 55 -10.91 -7.96 35.81
C LYS A 55 -11.83 -7.54 34.68
N THR A 56 -11.47 -7.91 33.45
CA THR A 56 -12.39 -7.74 32.34
C THR A 56 -12.92 -9.07 31.85
N HIS A 57 -14.24 -9.19 31.78
CA HIS A 57 -14.90 -10.40 31.30
C HIS A 57 -15.68 -10.11 30.02
N SER A 58 -15.38 -10.86 28.96
CA SER A 58 -16.13 -10.71 27.71
C SER A 58 -15.91 -11.92 26.79
N THR A 59 -16.78 -12.10 25.79
CA THR A 59 -16.63 -13.20 24.84
C THR A 59 -15.35 -13.08 24.02
N PHE A 60 -14.88 -11.85 23.85
CA PHE A 60 -13.66 -11.62 23.08
C PHE A 60 -12.41 -12.04 23.83
N LYS A 61 -12.37 -11.75 25.13
CA LYS A 61 -11.16 -11.96 25.89
C LYS A 61 -11.44 -11.68 27.36
N ASN A 62 -10.86 -12.49 28.25
CA ASN A 62 -10.88 -12.22 29.68
C ASN A 62 -9.47 -11.90 30.15
N THR A 63 -9.34 -10.83 30.93
CA THR A 63 -8.05 -10.39 31.43
C THR A 63 -8.14 -10.08 32.92
N GLU A 64 -7.00 -10.20 33.60
CA GLU A 64 -6.95 -9.86 35.01
C GLU A 64 -5.60 -9.27 35.41
N ILE A 65 -5.64 -8.09 36.00
CA ILE A 65 -4.42 -7.49 36.53
C ILE A 65 -4.56 -7.12 38.02
N SER A 66 -3.50 -7.35 38.77
CA SER A 66 -3.41 -6.89 40.16
C SER A 66 -2.19 -6.01 40.34
N PHE A 67 -2.33 -4.99 41.17
CA PHE A 67 -1.26 -4.01 41.29
C PHE A 67 -1.43 -3.16 42.53
N LYS A 68 -0.33 -2.52 42.94
CA LYS A 68 -0.37 -1.51 44.00
C LYS A 68 -0.21 -0.14 43.35
N LEU A 69 -0.93 0.84 43.85
CA LEU A 69 -0.84 2.19 43.30
C LEU A 69 0.63 2.63 43.36
N GLY A 70 1.08 3.28 42.30
CA GLY A 70 2.43 3.83 42.24
C GLY A 70 3.56 2.82 42.14
N VAL A 71 3.25 1.54 41.92
CA VAL A 71 4.30 0.53 41.78
C VAL A 71 4.28 -0.17 40.43
N GLU A 72 5.37 -0.04 39.69
CA GLU A 72 5.42 -0.53 38.33
C GLU A 72 5.23 -2.05 38.30
N PHE A 73 4.54 -2.52 37.28
CA PHE A 73 4.26 -3.94 37.15
C PHE A 73 4.12 -4.35 35.68
N ASP A 74 4.52 -5.57 35.36
CA ASP A 74 4.39 -6.11 34.00
C ASP A 74 2.96 -6.55 33.68
N GLU A 75 2.56 -6.32 32.43
CA GLU A 75 1.20 -6.62 32.02
C GLU A 75 1.18 -7.14 30.59
N THR A 76 0.35 -8.15 30.33
CA THR A 76 0.09 -8.58 28.97
C THR A 76 -1.33 -8.16 28.63
N THR A 77 -1.45 -7.30 27.64
CA THR A 77 -2.73 -6.68 27.35
C THR A 77 -3.64 -7.64 26.59
N ALA A 78 -4.90 -7.24 26.45
CA ALA A 78 -5.89 -8.05 25.74
C ALA A 78 -5.45 -8.31 24.31
N ASP A 79 -4.77 -7.34 23.70
CA ASP A 79 -4.24 -7.48 22.35
C ASP A 79 -2.79 -8.01 22.36
N ASP A 80 -2.39 -8.55 23.50
CA ASP A 80 -1.11 -9.24 23.62
C ASP A 80 0.12 -8.38 23.42
N ARG A 81 0.06 -7.14 23.89
CA ARG A 81 1.26 -6.33 24.05
C ARG A 81 1.84 -6.74 25.40
N LYS A 82 3.16 -6.84 25.46
CA LYS A 82 3.83 -6.99 26.74
C LYS A 82 4.34 -5.61 27.14
N VAL A 83 3.73 -5.02 28.16
CA VAL A 83 4.04 -3.64 28.51
C VAL A 83 4.48 -3.47 29.97
N LYS A 84 5.20 -2.38 30.23
CA LYS A 84 5.48 -1.91 31.59
C LYS A 84 4.33 -0.98 31.98
N SER A 85 3.70 -1.27 33.11
CA SER A 85 2.51 -0.53 33.54
C SER A 85 2.68 0.15 34.91
N ILE A 86 1.91 1.20 35.14
CA ILE A 86 1.87 1.80 36.46
C ILE A 86 0.57 2.60 36.60
N VAL A 87 -0.11 2.41 37.72
CA VAL A 87 -1.41 3.02 37.97
C VAL A 87 -1.27 4.02 39.10
N THR A 88 -1.66 5.27 38.85
CA THR A 88 -1.62 6.28 39.88
C THR A 88 -3.01 6.89 40.11
N LEU A 89 -3.12 7.70 41.16
CA LEU A 89 -4.37 8.39 41.46
C LEU A 89 -4.14 9.89 41.48
N ASP A 90 -4.72 10.61 40.51
CA ASP A 90 -4.66 12.07 40.45
C ASP A 90 -6.02 12.60 40.81
N GLY A 91 -6.18 13.04 42.05
CA GLY A 91 -7.47 13.47 42.54
C GLY A 91 -8.49 12.35 42.37
N GLY A 92 -9.43 12.57 41.46
CA GLY A 92 -10.47 11.57 41.21
C GLY A 92 -10.11 10.56 40.15
N LYS A 93 -9.12 10.87 39.32
CA LYS A 93 -8.80 10.04 38.16
C LYS A 93 -7.80 8.92 38.47
N LEU A 94 -8.19 7.70 38.10
CA LEU A 94 -7.31 6.54 38.19
C LEU A 94 -6.58 6.42 36.85
N VAL A 95 -5.29 6.74 36.88
CA VAL A 95 -4.50 6.91 35.66
C VAL A 95 -3.58 5.70 35.40
N HIS A 96 -3.83 4.97 34.32
CA HIS A 96 -3.06 3.77 33.99
C HIS A 96 -2.17 4.02 32.77
N LEU A 97 -0.85 4.05 32.98
CA LEU A 97 0.11 4.27 31.91
C LEU A 97 0.81 2.96 31.46
N GLN A 98 0.77 2.65 30.17
CA GLN A 98 1.45 1.48 29.63
C GLN A 98 2.62 1.92 28.73
N LYS A 99 3.82 1.38 28.98
CA LYS A 99 4.95 1.64 28.09
C LYS A 99 5.42 0.33 27.47
N TRP A 100 5.83 0.38 26.21
CA TRP A 100 6.32 -0.80 25.51
C TRP A 100 6.82 -0.37 24.13
N ASP A 101 7.92 -0.96 23.67
CA ASP A 101 8.38 -0.72 22.30
C ASP A 101 8.53 0.77 21.95
N GLY A 102 9.01 1.57 22.91
CA GLY A 102 9.20 3.00 22.70
C GLY A 102 7.90 3.79 22.59
N GLN A 103 6.78 3.15 22.92
CA GLN A 103 5.44 3.71 22.78
C GLN A 103 4.73 3.85 24.11
N GLU A 104 3.67 4.66 24.14
CA GLU A 104 2.90 4.90 25.35
C GLU A 104 1.41 5.06 25.07
N THR A 105 0.61 4.56 25.99
CA THR A 105 -0.82 4.75 25.90
C THR A 105 -1.34 4.89 27.33
N THR A 106 -2.36 5.71 27.52
CA THR A 106 -2.90 5.93 28.85
C THR A 106 -4.35 5.48 28.92
N LEU A 107 -4.72 4.92 30.05
CA LEU A 107 -6.08 4.48 30.30
C LEU A 107 -6.56 5.18 31.56
N VAL A 108 -7.43 6.18 31.40
CA VAL A 108 -7.90 6.96 32.53
C VAL A 108 -9.36 6.65 32.86
N ARG A 109 -9.61 6.42 34.14
CA ARG A 109 -10.95 6.14 34.60
C ARG A 109 -11.32 7.16 35.64
N GLU A 110 -12.50 7.75 35.50
CA GLU A 110 -13.03 8.64 36.52
C GLU A 110 -14.52 8.45 36.64
N LEU A 111 -15.06 8.89 37.77
CA LEU A 111 -16.48 8.76 38.02
C LEU A 111 -17.15 10.07 37.67
N ILE A 112 -18.18 9.98 36.83
CA ILE A 112 -18.98 11.15 36.49
C ILE A 112 -20.46 10.79 36.45
N ASP A 113 -21.22 11.30 37.42
CA ASP A 113 -22.65 11.05 37.49
C ASP A 113 -22.97 9.58 37.74
N GLY A 114 -22.13 8.94 38.56
CA GLY A 114 -22.35 7.55 38.92
C GLY A 114 -21.93 6.59 37.82
N LYS A 115 -21.42 7.12 36.72
CA LYS A 115 -20.94 6.30 35.63
C LYS A 115 -19.42 6.28 35.58
N LEU A 116 -18.84 5.14 35.22
CA LEU A 116 -17.40 5.04 35.04
C LEU A 116 -17.03 5.34 33.59
N ILE A 117 -16.21 6.37 33.40
CA ILE A 117 -15.79 6.75 32.06
C ILE A 117 -14.33 6.44 31.87
N LEU A 118 -14.05 5.55 30.92
CA LEU A 118 -12.69 5.13 30.61
C LEU A 118 -12.26 5.86 29.35
N THR A 119 -11.10 6.50 29.40
CA THR A 119 -10.58 7.21 28.24
C THR A 119 -9.26 6.61 27.85
N LEU A 120 -9.21 6.07 26.64
CA LEU A 120 -8.00 5.42 26.14
C LEU A 120 -7.37 6.33 25.11
N THR A 121 -6.10 6.69 25.34
CA THR A 121 -5.42 7.58 24.44
C THR A 121 -4.14 6.96 23.91
N HIS A 122 -3.95 7.07 22.60
CA HIS A 122 -2.69 6.74 21.97
C HIS A 122 -2.46 7.68 20.79
N GLY A 123 -1.53 8.61 20.96
CA GLY A 123 -1.32 9.65 19.96
C GLY A 123 -2.61 10.43 19.77
N THR A 124 -3.01 10.59 18.51
CA THR A 124 -4.21 11.34 18.18
C THR A 124 -5.50 10.54 18.39
N ALA A 125 -5.38 9.23 18.67
CA ALA A 125 -6.54 8.36 18.89
C ALA A 125 -7.06 8.42 20.31
N VAL A 126 -8.22 9.02 20.48
CA VAL A 126 -8.81 9.19 21.81
C VAL A 126 -10.15 8.48 21.88
N CYS A 127 -10.24 7.49 22.74
CA CYS A 127 -11.44 6.68 22.85
C CYS A 127 -12.14 6.91 24.19
N THR A 128 -13.46 7.04 24.15
CA THR A 128 -14.23 7.20 25.38
C THR A 128 -15.14 6.02 25.54
N ARG A 129 -15.03 5.32 26.67
CA ARG A 129 -15.87 4.17 26.95
C ARG A 129 -16.64 4.34 28.25
N THR A 130 -17.96 4.23 28.16
CA THR A 130 -18.85 4.56 29.28
C THR A 130 -19.46 3.30 29.92
N TYR A 131 -19.34 3.19 31.24
CA TYR A 131 -19.85 2.04 31.97
C TYR A 131 -20.90 2.46 32.98
N GLU A 132 -21.85 1.58 33.24
CA GLU A 132 -22.85 1.77 34.28
C GLU A 132 -22.59 0.74 35.37
N LYS A 133 -22.80 1.13 36.63
CA LYS A 133 -22.55 0.21 37.73
C LYS A 133 -23.68 -0.81 37.84
N GLU A 134 -23.32 -2.07 38.08
CA GLU A 134 -24.34 -3.11 38.16
C GLU A 134 -24.92 -3.25 39.58
N ALA A 135 -24.04 -3.25 40.58
CA ALA A 135 -24.46 -3.38 41.98
C ALA A 135 -25.75 -4.20 42.15
N SER B 1 1.49 -46.64 18.50
CA SER B 1 2.22 -46.89 19.75
C SER B 1 3.71 -47.03 19.50
N HIS B 2 4.10 -48.06 18.76
CA HIS B 2 5.49 -48.28 18.39
C HIS B 2 5.99 -47.19 17.45
N MET B 3 5.05 -46.53 16.77
CA MET B 3 5.39 -45.50 15.78
C MET B 3 5.73 -44.15 16.39
N VAL B 4 4.95 -43.72 17.38
CA VAL B 4 5.17 -42.43 18.02
C VAL B 4 6.31 -42.49 19.05
N ASP B 5 6.76 -43.69 19.39
CA ASP B 5 7.82 -43.85 20.37
C ASP B 5 9.11 -43.19 19.88
N ALA B 6 9.33 -43.24 18.57
CA ALA B 6 10.56 -42.67 18.01
C ALA B 6 10.63 -41.13 18.13
N PHE B 7 9.46 -40.49 18.26
CA PHE B 7 9.39 -39.05 18.42
C PHE B 7 9.70 -38.58 19.84
N LEU B 8 9.68 -39.51 20.79
CA LEU B 8 9.77 -39.14 22.19
C LEU B 8 11.17 -38.67 22.55
N GLY B 9 11.25 -37.53 23.23
CA GLY B 9 12.51 -36.99 23.67
C GLY B 9 12.56 -35.47 23.60
N THR B 10 13.74 -34.92 23.85
CA THR B 10 13.97 -33.48 23.77
C THR B 10 14.72 -33.13 22.48
N TRP B 11 14.27 -32.08 21.80
CA TRP B 11 14.79 -31.76 20.47
C TRP B 11 15.20 -30.31 20.41
N LYS B 12 16.39 -30.04 19.89
CA LYS B 12 16.85 -28.65 19.73
C LYS B 12 16.96 -28.25 18.26
N LEU B 13 16.48 -27.06 17.94
CA LEU B 13 16.54 -26.53 16.58
C LEU B 13 17.97 -26.30 16.11
N VAL B 14 18.33 -26.91 15.00
CA VAL B 14 19.68 -26.70 14.47
C VAL B 14 19.67 -26.03 13.10
N ASP B 15 18.52 -26.05 12.43
CA ASP B 15 18.39 -25.33 11.18
C ASP B 15 16.96 -24.88 10.89
N SER B 16 16.84 -23.84 10.07
CA SER B 16 15.56 -23.30 9.70
C SER B 16 15.62 -22.84 8.26
N LYS B 17 14.52 -23.03 7.55
CA LYS B 17 14.36 -22.50 6.21
C LYS B 17 12.94 -21.95 6.09
N ASN B 18 12.84 -20.69 5.68
CA ASN B 18 11.57 -20.06 5.36
C ASN B 18 10.61 -19.86 6.52
N PHE B 19 11.15 -19.92 7.74
CA PHE B 19 10.30 -19.75 8.92
C PHE B 19 9.68 -18.35 8.94
N ASP B 20 10.48 -17.33 8.65
CA ASP B 20 9.99 -15.95 8.60
C ASP B 20 8.85 -15.80 7.58
N ASP B 21 9.07 -16.27 6.35
CA ASP B 21 8.02 -16.26 5.33
C ASP B 21 6.75 -16.93 5.84
N TYR B 22 6.90 -18.11 6.44
CA TYR B 22 5.74 -18.85 6.95
C TYR B 22 4.98 -17.98 7.96
N MET B 23 5.69 -17.41 8.94
CA MET B 23 5.07 -16.47 9.88
C MET B 23 4.42 -15.29 9.16
N LYS B 24 5.08 -14.77 8.13
CA LYS B 24 4.52 -13.66 7.37
C LYS B 24 3.20 -14.08 6.70
N SER B 25 3.16 -15.33 6.25
CA SER B 25 1.99 -15.86 5.56
C SER B 25 0.80 -15.93 6.50
N LEU B 26 1.05 -16.29 7.75
CA LEU B 26 -0.01 -16.40 8.74
C LEU B 26 -0.51 -15.05 9.18
N GLY B 27 0.32 -14.02 9.00
CA GLY B 27 -0.01 -12.66 9.42
C GLY B 27 0.72 -12.16 10.66
N VAL B 28 1.80 -12.84 11.05
CA VAL B 28 2.63 -12.41 12.15
C VAL B 28 3.46 -11.17 11.76
N GLY B 29 3.33 -10.08 12.50
CA GLY B 29 4.04 -8.85 12.17
C GLY B 29 5.56 -8.95 12.15
N PHE B 30 6.21 -8.03 11.43
CA PHE B 30 7.68 -7.99 11.31
C PHE B 30 8.42 -7.98 12.65
N ALA B 31 8.00 -7.09 13.54
CA ALA B 31 8.60 -6.99 14.86
C ALA B 31 8.65 -8.35 15.54
N THR B 32 7.53 -9.08 15.49
CA THR B 32 7.42 -10.38 16.15
C THR B 32 8.22 -11.48 15.45
N ARG B 33 8.15 -11.48 14.13
CA ARG B 33 8.92 -12.42 13.32
C ARG B 33 10.40 -12.33 13.67
N GLN B 34 10.91 -11.11 13.73
CA GLN B 34 12.31 -10.88 14.12
C GLN B 34 12.64 -11.56 15.45
N VAL B 35 11.75 -11.44 16.44
CA VAL B 35 12.00 -12.10 17.71
C VAL B 35 11.89 -13.62 17.57
N ALA B 36 10.78 -14.08 17.00
CA ALA B 36 10.54 -15.50 16.92
C ALA B 36 11.64 -16.16 16.11
N SER B 37 11.93 -15.55 14.96
CA SER B 37 12.90 -16.10 14.02
C SER B 37 14.27 -16.27 14.66
N MET B 38 14.62 -15.38 15.58
CA MET B 38 15.96 -15.40 16.17
C MET B 38 16.17 -16.48 17.22
N THR B 39 15.10 -16.92 17.85
CA THR B 39 15.24 -17.90 18.93
C THR B 39 15.68 -19.26 18.38
N LYS B 40 16.20 -20.09 19.28
CA LYS B 40 16.51 -21.47 18.95
C LYS B 40 15.76 -22.37 19.93
N PRO B 41 14.47 -22.61 19.64
CA PRO B 41 13.58 -23.27 20.59
C PRO B 41 13.95 -24.71 20.84
N THR B 42 13.60 -25.19 22.01
CA THR B 42 13.68 -26.59 22.35
C THR B 42 12.26 -27.16 22.38
N THR B 43 12.09 -28.36 21.83
CA THR B 43 10.79 -29.01 21.89
C THR B 43 10.87 -30.35 22.58
N ILE B 44 9.99 -30.55 23.57
CA ILE B 44 9.90 -31.82 24.27
C ILE B 44 8.67 -32.58 23.82
N ILE B 45 8.84 -33.87 23.55
CA ILE B 45 7.72 -34.69 23.11
C ILE B 45 7.58 -35.87 24.07
N GLU B 46 6.46 -35.93 24.79
CA GLU B 46 6.25 -36.98 25.77
C GLU B 46 4.89 -37.66 25.65
N LYS B 47 4.80 -38.86 26.22
CA LYS B 47 3.62 -39.72 26.10
C LYS B 47 3.27 -40.33 27.44
N ASN B 48 2.00 -40.22 27.82
CA ASN B 48 1.52 -40.79 29.08
C ASN B 48 0.24 -41.56 28.86
N GLY B 49 0.38 -42.82 28.46
CA GLY B 49 -0.76 -43.62 28.07
C GLY B 49 -1.27 -43.15 26.72
N ASP B 50 -2.50 -42.66 26.69
CA ASP B 50 -3.15 -42.25 25.45
C ASP B 50 -2.78 -40.83 25.02
N ILE B 51 -2.21 -40.07 25.95
CA ILE B 51 -2.05 -38.63 25.78
C ILE B 51 -0.64 -38.20 25.40
N LEU B 52 -0.51 -37.49 24.29
CA LEU B 52 0.78 -36.94 23.87
C LEU B 52 0.88 -35.50 24.35
N THR B 53 2.09 -35.11 24.77
CA THR B 53 2.33 -33.72 25.15
C THR B 53 3.52 -33.14 24.39
N LEU B 54 3.27 -32.00 23.74
CA LEU B 54 4.33 -31.22 23.11
C LEU B 54 4.57 -29.92 23.88
N LYS B 55 5.81 -29.74 24.34
CA LYS B 55 6.20 -28.51 25.01
C LYS B 55 7.26 -27.80 24.20
N THR B 56 7.11 -26.49 23.99
CA THR B 56 8.18 -25.72 23.40
C THR B 56 8.69 -24.69 24.38
N HIS B 57 10.00 -24.68 24.59
CA HIS B 57 10.64 -23.68 25.44
C HIS B 57 11.52 -22.77 24.60
N SER B 58 11.27 -21.47 24.70
CA SER B 58 12.11 -20.49 24.02
C SER B 58 12.00 -19.17 24.75
N THR B 59 12.92 -18.25 24.45
CA THR B 59 12.89 -16.93 25.08
C THR B 59 11.70 -16.16 24.54
N PHE B 60 11.26 -16.56 23.34
CA PHE B 60 10.15 -15.89 22.67
C PHE B 60 8.80 -16.23 23.31
N LYS B 61 8.51 -17.52 23.40
CA LYS B 61 7.24 -17.97 23.96
C LYS B 61 7.41 -19.39 24.39
N ASN B 62 6.83 -19.74 25.54
CA ASN B 62 6.70 -21.14 25.91
C ASN B 62 5.25 -21.58 25.66
N THR B 63 5.10 -22.79 25.12
CA THR B 63 3.78 -23.30 24.77
C THR B 63 3.67 -24.76 25.17
N GLU B 64 2.45 -25.23 25.40
CA GLU B 64 2.23 -26.63 25.69
C GLU B 64 0.85 -27.09 25.23
N ILE B 65 0.81 -28.22 24.53
CA ILE B 65 -0.45 -28.85 24.17
C ILE B 65 -0.42 -30.33 24.55
N SER B 66 -1.58 -30.85 24.92
CA SER B 66 -1.73 -32.27 25.14
C SER B 66 -2.92 -32.73 24.33
N PHE B 67 -2.91 -33.97 23.85
CA PHE B 67 -3.97 -34.43 22.97
C PHE B 67 -3.85 -35.94 22.74
N LYS B 68 -4.93 -36.53 22.23
CA LYS B 68 -4.91 -37.93 21.82
C LYS B 68 -4.97 -38.00 20.31
N LEU B 69 -4.26 -38.95 19.71
CA LEU B 69 -4.32 -39.11 18.26
C LEU B 69 -5.77 -39.14 17.77
N GLY B 70 -6.04 -38.44 16.67
CA GLY B 70 -7.36 -38.46 16.06
C GLY B 70 -8.50 -37.81 16.83
N VAL B 71 -8.20 -37.07 17.90
CA VAL B 71 -9.26 -36.38 18.65
C VAL B 71 -9.08 -34.87 18.57
N GLU B 72 -10.05 -34.18 17.98
CA GLU B 72 -9.99 -32.73 17.85
C GLU B 72 -9.87 -32.07 19.23
N PHE B 73 -9.08 -31.01 19.32
CA PHE B 73 -8.90 -30.26 20.56
C PHE B 73 -8.63 -28.78 20.25
N ASP B 74 -9.01 -27.90 21.19
CA ASP B 74 -8.74 -26.46 21.03
C ASP B 74 -7.28 -26.08 21.31
N GLU B 75 -6.75 -25.14 20.53
CA GLU B 75 -5.36 -24.75 20.73
C GLU B 75 -5.18 -23.23 20.54
N THR B 76 -4.38 -22.63 21.41
CA THR B 76 -3.95 -21.25 21.25
C THR B 76 -2.48 -21.27 20.88
N THR B 77 -2.15 -20.78 19.69
CA THR B 77 -0.82 -20.99 19.15
C THR B 77 0.15 -19.96 19.72
N ALA B 78 1.44 -20.22 19.55
CA ALA B 78 2.47 -19.28 20.00
C ALA B 78 2.15 -17.85 19.54
N ASP B 79 1.64 -17.70 18.32
CA ASP B 79 1.32 -16.36 17.81
C ASP B 79 -0.13 -15.97 18.13
N ASP B 80 -0.72 -16.68 19.08
CA ASP B 80 -2.04 -16.35 19.60
C ASP B 80 -3.18 -16.46 18.59
N ARG B 81 -3.17 -17.52 17.80
CA ARG B 81 -4.35 -17.85 17.01
C ARG B 81 -5.15 -18.82 17.83
N LYS B 82 -6.47 -18.67 17.80
CA LYS B 82 -7.37 -19.60 18.46
C LYS B 82 -7.81 -20.64 17.43
N VAL B 83 -7.22 -21.82 17.47
CA VAL B 83 -7.48 -22.79 16.39
C VAL B 83 -8.18 -24.07 16.87
N LYS B 84 -8.73 -24.79 15.90
CA LYS B 84 -9.23 -26.15 16.13
C LYS B 84 -8.19 -27.09 15.56
N SER B 85 -7.67 -27.97 16.42
CA SER B 85 -6.55 -28.81 16.04
C SER B 85 -6.90 -30.29 16.04
N ILE B 86 -6.22 -31.04 15.18
CA ILE B 86 -6.25 -32.49 15.27
C ILE B 86 -4.90 -33.05 14.79
N VAL B 87 -4.37 -34.01 15.54
CA VAL B 87 -3.09 -34.64 15.18
C VAL B 87 -3.32 -36.09 14.81
N THR B 88 -2.84 -36.48 13.63
CA THR B 88 -2.91 -37.88 13.18
C THR B 88 -1.55 -38.48 12.86
N LEU B 89 -1.55 -39.79 12.63
CA LEU B 89 -0.35 -40.54 12.25
C LEU B 89 -0.54 -41.23 10.89
N ASP B 90 0.12 -40.71 9.84
CA ASP B 90 0.13 -41.35 8.51
C ASP B 90 1.50 -41.93 8.28
N GLY B 91 1.63 -43.24 8.38
CA GLY B 91 2.93 -43.85 8.28
C GLY B 91 3.75 -43.42 9.47
N GLY B 92 4.88 -42.78 9.19
CA GLY B 92 5.76 -42.34 10.27
C GLY B 92 5.61 -40.85 10.50
N LYS B 93 4.68 -40.24 9.78
CA LYS B 93 4.46 -38.81 9.89
C LYS B 93 3.39 -38.46 10.93
N LEU B 94 3.75 -37.57 11.87
CA LEU B 94 2.81 -36.95 12.78
C LEU B 94 2.24 -35.73 12.08
N VAL B 95 0.97 -35.83 11.65
CA VAL B 95 0.35 -34.75 10.92
C VAL B 95 -0.58 -33.93 11.82
N HIS B 96 -0.25 -32.66 11.99
CA HIS B 96 -0.99 -31.75 12.87
C HIS B 96 -1.70 -30.70 12.03
N LEU B 97 -3.02 -30.75 12.04
CA LEU B 97 -3.81 -29.82 11.25
C LEU B 97 -4.49 -28.77 12.14
N GLN B 98 -4.27 -27.50 11.80
CA GLN B 98 -4.89 -26.37 12.51
C GLN B 98 -5.91 -25.68 11.61
N LYS B 99 -7.11 -25.47 12.14
CA LYS B 99 -8.15 -24.73 11.42
C LYS B 99 -8.57 -23.51 12.22
N TRP B 100 -8.80 -22.42 11.51
CA TRP B 100 -9.26 -21.20 12.16
C TRP B 100 -9.62 -20.19 11.07
N ASP B 101 -10.58 -19.31 11.35
CA ASP B 101 -10.88 -18.20 10.44
C ASP B 101 -11.01 -18.66 9.00
N GLY B 102 -11.58 -19.85 8.80
CA GLY B 102 -11.71 -20.42 7.47
C GLY B 102 -10.39 -20.67 6.74
N GLN B 103 -9.30 -20.74 7.49
CA GLN B 103 -7.98 -21.07 6.95
C GLN B 103 -7.45 -22.37 7.55
N GLU B 104 -6.35 -22.87 6.98
CA GLU B 104 -5.70 -24.07 7.50
C GLU B 104 -4.19 -23.97 7.39
N THR B 105 -3.48 -24.58 8.34
CA THR B 105 -2.06 -24.79 8.16
C THR B 105 -1.74 -26.18 8.68
N THR B 106 -0.66 -26.79 8.18
CA THR B 106 -0.25 -28.13 8.62
C THR B 106 1.16 -28.16 9.18
N LEU B 107 1.34 -28.92 10.25
CA LEU B 107 2.63 -29.10 10.88
C LEU B 107 2.95 -30.58 10.87
N VAL B 108 3.74 -31.02 9.89
CA VAL B 108 4.12 -32.42 9.80
C VAL B 108 5.49 -32.67 10.43
N ARG B 109 5.57 -33.74 11.20
CA ARG B 109 6.83 -34.12 11.83
C ARG B 109 7.17 -35.55 11.43
N GLU B 110 8.38 -35.75 10.90
CA GLU B 110 8.87 -37.10 10.63
C GLU B 110 10.34 -37.20 11.00
N LEU B 111 10.78 -38.40 11.36
CA LEU B 111 12.19 -38.61 11.67
C LEU B 111 12.93 -39.03 10.42
N ILE B 112 14.07 -38.39 10.16
CA ILE B 112 14.85 -38.65 8.98
C ILE B 112 16.34 -38.67 9.33
N ASP B 113 16.96 -39.85 9.23
CA ASP B 113 18.36 -40.03 9.64
C ASP B 113 18.57 -39.65 11.09
N GLY B 114 17.58 -39.90 11.93
CA GLY B 114 17.69 -39.62 13.36
C GLY B 114 17.52 -38.16 13.73
N LYS B 115 17.16 -37.32 12.75
CA LYS B 115 16.77 -35.95 13.04
C LYS B 115 15.24 -35.78 12.96
N LEU B 116 14.71 -34.83 13.72
CA LEU B 116 13.29 -34.54 13.61
C LEU B 116 13.07 -33.37 12.66
N ILE B 117 12.25 -33.58 11.65
CA ILE B 117 12.03 -32.56 10.65
C ILE B 117 10.59 -32.10 10.70
N LEU B 118 10.40 -30.84 11.07
CA LEU B 118 9.07 -30.23 11.16
C LEU B 118 8.85 -29.38 9.92
N THR B 119 7.78 -29.69 9.20
CA THR B 119 7.43 -28.95 8.00
C THR B 119 6.13 -28.18 8.23
N LEU B 120 6.22 -26.85 8.24
CA LEU B 120 5.08 -25.96 8.43
C LEU B 120 4.60 -25.46 7.08
N THR B 121 3.33 -25.69 6.76
CA THR B 121 2.82 -25.29 5.45
C THR B 121 1.55 -24.47 5.56
N HIS B 122 1.56 -23.29 4.95
CA HIS B 122 0.36 -22.50 4.78
C HIS B 122 0.31 -21.93 3.38
N GLY B 123 -0.57 -22.47 2.54
CA GLY B 123 -0.62 -22.05 1.14
C GLY B 123 0.69 -22.39 0.44
N THR B 124 1.27 -21.39 -0.23
CA THR B 124 2.51 -21.59 -0.94
C THR B 124 3.72 -21.47 0.00
N ALA B 125 3.50 -21.08 1.24
CA ALA B 125 4.59 -20.93 2.21
C ALA B 125 4.96 -22.27 2.86
N VAL B 126 6.15 -22.76 2.55
CA VAL B 126 6.60 -24.03 3.10
C VAL B 126 7.87 -23.84 3.92
N CYS B 127 7.74 -23.93 5.23
CA CYS B 127 8.90 -23.81 6.11
C CYS B 127 9.39 -25.18 6.56
N THR B 128 10.71 -25.39 6.51
CA THR B 128 11.30 -26.62 7.03
C THR B 128 12.21 -26.34 8.22
N ARG B 129 11.95 -27.03 9.31
CA ARG B 129 12.71 -26.85 10.54
C ARG B 129 13.30 -28.16 11.04
N THR B 130 14.62 -28.17 11.20
CA THR B 130 15.37 -29.37 11.52
C THR B 130 15.86 -29.36 12.98
N TYR B 131 15.64 -30.48 13.67
CA TYR B 131 15.99 -30.60 15.09
C TYR B 131 16.92 -31.78 15.34
N GLU B 132 17.80 -31.65 16.34
CA GLU B 132 18.61 -32.77 16.81
C GLU B 132 18.16 -33.23 18.19
N LYS B 133 18.22 -34.54 18.42
CA LYS B 133 17.84 -35.10 19.71
C LYS B 133 18.91 -34.76 20.75
N GLU B 134 18.50 -34.21 21.88
CA GLU B 134 19.44 -33.80 22.91
C GLU B 134 19.91 -34.98 23.75
N ALA B 135 18.99 -35.92 24.00
CA ALA B 135 19.30 -37.11 24.78
C ALA B 135 20.09 -36.76 26.06
N SER C 1 22.03 -0.89 -47.31
CA SER C 1 21.30 -1.21 -46.08
C SER C 1 20.21 -2.25 -46.32
N HIS C 2 20.56 -3.26 -47.11
CA HIS C 2 19.68 -4.42 -47.31
C HIS C 2 18.93 -4.78 -46.02
N MET C 3 19.66 -4.79 -44.90
CA MET C 3 19.11 -5.23 -43.61
C MET C 3 17.99 -4.33 -43.08
N VAL C 4 18.17 -3.02 -43.21
CA VAL C 4 17.18 -2.07 -42.71
C VAL C 4 15.88 -2.10 -43.52
N ASP C 5 16.01 -2.25 -44.84
CA ASP C 5 14.88 -2.10 -45.75
C ASP C 5 13.67 -2.97 -45.39
N ALA C 6 13.93 -4.15 -44.83
CA ALA C 6 12.85 -5.05 -44.49
C ALA C 6 11.89 -4.51 -43.41
N PHE C 7 12.39 -3.63 -42.54
CA PHE C 7 11.55 -3.00 -41.52
C PHE C 7 10.59 -1.94 -42.07
N LEU C 8 10.89 -1.44 -43.25
CA LEU C 8 10.16 -0.29 -43.79
C LEU C 8 8.72 -0.64 -44.11
N GLY C 9 7.80 0.24 -43.69
CA GLY C 9 6.39 0.05 -43.95
C GLY C 9 5.50 0.51 -42.81
N THR C 10 4.25 0.08 -42.85
CA THR C 10 3.28 0.44 -41.83
C THR C 10 2.81 -0.81 -41.08
N TRP C 11 2.94 -0.78 -39.76
CA TRP C 11 2.66 -1.96 -38.94
C TRP C 11 1.54 -1.73 -37.92
N LYS C 12 0.62 -2.68 -37.83
CA LYS C 12 -0.47 -2.61 -36.87
C LYS C 12 -0.26 -3.65 -35.78
N LEU C 13 -0.41 -3.23 -34.52
CA LEU C 13 -0.25 -4.14 -33.39
C LEU C 13 -1.35 -5.21 -33.41
N VAL C 14 -0.96 -6.48 -33.23
CA VAL C 14 -1.93 -7.56 -33.20
C VAL C 14 -1.85 -8.38 -31.92
N ASP C 15 -0.84 -8.11 -31.10
CA ASP C 15 -0.69 -8.86 -29.85
C ASP C 15 0.25 -8.12 -28.92
N SER C 16 0.04 -8.32 -27.62
CA SER C 16 0.77 -7.58 -26.61
C SER C 16 0.91 -8.42 -25.35
N LYS C 17 2.10 -8.42 -24.76
CA LYS C 17 2.33 -9.15 -23.51
C LYS C 17 3.14 -8.29 -22.52
N ASN C 18 2.67 -8.17 -21.29
CA ASN C 18 3.38 -7.41 -20.25
C ASN C 18 3.60 -5.93 -20.54
N PHE C 19 2.82 -5.34 -21.44
CA PHE C 19 2.98 -3.93 -21.74
C PHE C 19 2.55 -3.09 -20.53
N ASP C 20 1.47 -3.48 -19.88
CA ASP C 20 1.06 -2.78 -18.67
C ASP C 20 2.13 -2.83 -17.59
N ASP C 21 2.74 -4.00 -17.34
CA ASP C 21 3.80 -4.12 -16.34
C ASP C 21 5.01 -3.25 -16.71
N TYR C 22 5.33 -3.23 -18.01
CA TYR C 22 6.46 -2.45 -18.48
C TYR C 22 6.28 -0.97 -18.13
N MET C 23 5.12 -0.40 -18.47
CA MET C 23 4.78 0.98 -18.13
C MET C 23 4.72 1.21 -16.63
N LYS C 24 4.23 0.21 -15.91
CA LYS C 24 4.18 0.31 -14.46
C LYS C 24 5.60 0.41 -13.89
N SER C 25 6.53 -0.38 -14.45
CA SER C 25 7.92 -0.33 -14.02
C SER C 25 8.54 1.06 -14.27
N LEU C 26 7.95 1.83 -15.18
CA LEU C 26 8.40 3.19 -15.49
C LEU C 26 7.62 4.29 -14.75
N GLY C 27 6.73 3.89 -13.85
CA GLY C 27 6.01 4.86 -13.05
C GLY C 27 4.81 5.53 -13.70
N VAL C 28 4.33 4.98 -14.81
CA VAL C 28 3.10 5.47 -15.41
C VAL C 28 1.91 5.04 -14.54
N GLY C 29 1.00 5.97 -14.23
CA GLY C 29 -0.11 5.69 -13.31
C GLY C 29 -1.18 4.80 -13.93
N PHE C 30 -1.99 4.13 -13.10
CA PHE C 30 -2.95 3.13 -13.58
C PHE C 30 -3.82 3.82 -14.61
N ALA C 31 -4.08 5.10 -14.31
CA ALA C 31 -4.78 6.03 -15.18
C ALA C 31 -4.41 5.84 -16.64
N THR C 32 -3.32 6.50 -17.01
CA THR C 32 -2.76 6.45 -18.33
C THR C 32 -2.50 5.03 -18.86
N ARG C 33 -2.05 4.13 -17.99
CA ARG C 33 -1.67 2.78 -18.41
C ARG C 33 -2.84 2.04 -19.07
N GLN C 34 -4.02 2.17 -18.50
CA GLN C 34 -5.16 1.49 -19.10
C GLN C 34 -5.47 2.11 -20.45
N VAL C 35 -5.48 3.44 -20.53
CA VAL C 35 -5.68 4.07 -21.84
C VAL C 35 -4.63 3.59 -22.86
N ALA C 36 -3.36 3.61 -22.47
CA ALA C 36 -2.30 3.26 -23.42
C ALA C 36 -2.40 1.79 -23.82
N SER C 37 -2.63 0.89 -22.86
CA SER C 37 -2.68 -0.53 -23.19
C SER C 37 -3.91 -0.94 -23.99
N MET C 38 -5.00 -0.18 -23.87
CA MET C 38 -6.20 -0.46 -24.66
C MET C 38 -6.08 -0.11 -26.15
N THR C 39 -5.25 0.88 -26.48
CA THR C 39 -5.12 1.24 -27.89
C THR C 39 -4.50 0.08 -28.67
N LYS C 40 -4.60 0.13 -29.98
CA LYS C 40 -3.90 -0.81 -30.86
C LYS C 40 -3.17 0.01 -31.92
N PRO C 41 -1.96 0.47 -31.58
CA PRO C 41 -1.32 1.52 -32.38
C PRO C 41 -0.80 1.02 -33.72
N THR C 42 -0.53 1.98 -34.59
CA THR C 42 0.11 1.71 -35.86
C THR C 42 1.49 2.35 -35.80
N THR C 43 2.49 1.65 -36.33
CA THR C 43 3.83 2.20 -36.32
C THR C 43 4.38 2.25 -37.73
N ILE C 44 4.78 3.43 -38.16
CA ILE C 44 5.28 3.65 -39.50
C ILE C 44 6.78 3.90 -39.47
N ILE C 45 7.52 3.00 -40.14
CA ILE C 45 8.96 3.12 -40.21
C ILE C 45 9.34 3.58 -41.62
N GLU C 46 10.08 4.68 -41.70
CA GLU C 46 10.43 5.26 -43.00
C GLU C 46 11.93 5.46 -43.13
N LYS C 47 12.42 5.53 -44.35
CA LYS C 47 13.82 5.85 -44.60
C LYS C 47 13.93 7.04 -45.57
N ASN C 48 14.81 7.98 -45.26
CA ASN C 48 15.10 9.13 -46.13
C ASN C 48 16.58 9.40 -46.19
N GLY C 49 17.29 8.63 -47.01
CA GLY C 49 18.73 8.69 -47.02
C GLY C 49 19.26 7.88 -45.86
N ASP C 50 20.17 8.47 -45.10
CA ASP C 50 20.75 7.80 -43.96
C ASP C 50 19.90 8.06 -42.70
N ILE C 51 18.77 8.73 -42.87
CA ILE C 51 17.88 9.11 -41.76
C ILE C 51 16.61 8.26 -41.66
N LEU C 52 16.45 7.56 -40.54
CA LEU C 52 15.26 6.76 -40.29
C LEU C 52 14.21 7.56 -39.51
N THR C 53 12.93 7.28 -39.76
CA THR C 53 11.83 7.89 -39.01
C THR C 53 10.84 6.84 -38.47
N LEU C 54 10.56 6.92 -37.18
CA LEU C 54 9.59 6.06 -36.53
C LEU C 54 8.36 6.86 -36.05
N LYS C 55 7.21 6.55 -36.64
CA LYS C 55 5.97 7.20 -36.26
C LYS C 55 5.06 6.21 -35.56
N THR C 56 4.43 6.67 -34.48
CA THR C 56 3.36 5.90 -33.87
C THR C 56 2.08 6.72 -33.90
N HIS C 57 0.99 6.09 -34.34
CA HIS C 57 -0.32 6.72 -34.35
C HIS C 57 -1.28 5.88 -33.52
N SER C 58 -1.94 6.52 -32.56
CA SER C 58 -3.00 5.89 -31.80
C SER C 58 -3.92 6.96 -31.24
N THR C 59 -5.04 6.54 -30.67
CA THR C 59 -5.96 7.47 -30.06
C THR C 59 -5.42 7.89 -28.70
N PHE C 60 -4.39 7.22 -28.21
CA PHE C 60 -3.80 7.62 -26.94
C PHE C 60 -2.85 8.79 -27.18
N LYS C 61 -2.08 8.70 -28.25
CA LYS C 61 -0.97 9.62 -28.45
C LYS C 61 -0.30 9.26 -29.76
N ASN C 62 0.10 10.28 -30.52
CA ASN C 62 0.98 10.07 -31.66
C ASN C 62 2.39 10.54 -31.31
N THR C 63 3.40 9.78 -31.72
CA THR C 63 4.77 10.16 -31.45
C THR C 63 5.60 10.09 -32.71
N GLU C 64 6.80 10.64 -32.66
CA GLU C 64 7.69 10.55 -33.82
C GLU C 64 9.16 10.79 -33.47
N ILE C 65 10.03 9.97 -34.04
CA ILE C 65 11.47 10.18 -33.87
C ILE C 65 12.20 9.96 -35.18
N SER C 66 13.19 10.81 -35.44
CA SER C 66 14.08 10.62 -36.58
C SER C 66 15.52 10.56 -36.08
N PHE C 67 16.32 9.67 -36.66
CA PHE C 67 17.68 9.46 -36.18
C PHE C 67 18.52 8.79 -37.27
N LYS C 68 19.83 8.75 -37.06
CA LYS C 68 20.73 8.00 -37.93
C LYS C 68 21.26 6.84 -37.12
N LEU C 69 21.48 5.70 -37.75
CA LEU C 69 22.08 4.57 -37.06
C LEU C 69 23.41 4.97 -36.41
N GLY C 70 23.61 4.60 -35.15
CA GLY C 70 24.89 4.81 -34.52
C GLY C 70 25.14 6.22 -34.05
N VAL C 71 24.19 7.12 -34.25
CA VAL C 71 24.34 8.49 -33.77
C VAL C 71 23.36 8.81 -32.63
N GLU C 72 23.89 9.24 -31.49
CA GLU C 72 23.07 9.51 -30.32
C GLU C 72 22.17 10.72 -30.57
N PHE C 73 20.96 10.69 -30.02
CA PHE C 73 20.03 11.81 -30.14
C PHE C 73 19.12 11.93 -28.91
N ASP C 74 18.70 13.15 -28.62
CA ASP C 74 17.68 13.37 -27.58
C ASP C 74 16.31 12.87 -28.02
N GLU C 75 15.58 12.27 -27.06
CA GLU C 75 14.22 11.79 -27.33
C GLU C 75 13.32 12.08 -26.14
N THR C 76 12.07 12.43 -26.43
CA THR C 76 11.02 12.50 -25.40
C THR C 76 10.05 11.36 -25.65
N THR C 77 9.83 10.55 -24.63
CA THR C 77 9.09 9.32 -24.81
C THR C 77 7.61 9.55 -24.55
N ALA C 78 6.79 8.64 -25.02
CA ALA C 78 5.35 8.75 -24.90
C ALA C 78 4.94 8.95 -23.44
N ASP C 79 5.74 8.45 -22.50
CA ASP C 79 5.47 8.67 -21.09
C ASP C 79 6.26 9.86 -20.54
N ASP C 80 6.68 10.74 -21.45
CA ASP C 80 7.31 12.02 -21.07
C ASP C 80 8.61 11.94 -20.26
N ARG C 81 9.40 10.89 -20.51
CA ARG C 81 10.80 10.82 -20.05
C ARG C 81 11.67 11.49 -21.11
N LYS C 82 12.65 12.25 -20.66
CA LYS C 82 13.63 12.86 -21.55
C LYS C 82 14.89 11.99 -21.54
N VAL C 83 15.16 11.30 -22.64
CA VAL C 83 16.24 10.32 -22.65
C VAL C 83 17.31 10.62 -23.70
N LYS C 84 18.48 10.04 -23.53
CA LYS C 84 19.50 10.02 -24.59
C LYS C 84 19.39 8.66 -25.27
N SER C 85 19.25 8.67 -26.59
CA SER C 85 18.94 7.42 -27.29
C SER C 85 19.95 7.16 -28.37
N ILE C 86 20.05 5.89 -28.73
CA ILE C 86 20.88 5.53 -29.84
C ILE C 86 20.34 4.21 -30.40
N VAL C 87 20.24 4.15 -31.71
CA VAL C 87 19.71 2.97 -32.38
C VAL C 87 20.80 2.33 -33.21
N THR C 88 21.03 1.05 -32.98
CA THR C 88 22.03 0.30 -33.74
C THR C 88 21.41 -0.89 -34.48
N LEU C 89 22.20 -1.52 -35.35
CA LEU C 89 21.76 -2.70 -36.09
C LEU C 89 22.71 -3.87 -35.82
N ASP C 90 22.23 -4.86 -35.05
CA ASP C 90 22.99 -6.07 -34.71
C ASP C 90 22.45 -7.25 -35.47
N GLY C 91 23.04 -7.54 -36.61
CA GLY C 91 22.52 -8.58 -37.47
C GLY C 91 21.19 -8.13 -38.02
N GLY C 92 20.12 -8.75 -37.54
CA GLY C 92 18.78 -8.42 -38.01
C GLY C 92 18.02 -7.53 -37.05
N LYS C 93 18.61 -7.26 -35.88
CA LYS C 93 17.92 -6.54 -34.81
C LYS C 93 18.22 -5.04 -34.75
N LEU C 94 17.17 -4.22 -34.87
CA LEU C 94 17.23 -2.80 -34.55
C LEU C 94 17.22 -2.63 -33.04
N VAL C 95 18.36 -2.26 -32.47
CA VAL C 95 18.48 -2.11 -31.02
C VAL C 95 18.41 -0.64 -30.60
N HIS C 96 17.34 -0.29 -29.91
CA HIS C 96 17.10 1.08 -29.48
C HIS C 96 17.32 1.21 -27.99
N LEU C 97 18.42 1.86 -27.62
CA LEU C 97 18.79 2.02 -26.21
C LEU C 97 18.46 3.43 -25.70
N GLN C 98 17.74 3.50 -24.58
CA GLN C 98 17.36 4.78 -23.98
C GLN C 98 18.00 4.92 -22.61
N LYS C 99 18.71 6.04 -22.40
CA LYS C 99 19.33 6.31 -21.10
C LYS C 99 18.84 7.61 -20.49
N TRP C 100 18.68 7.60 -19.17
CA TRP C 100 18.26 8.77 -18.42
C TRP C 100 18.37 8.45 -16.94
N ASP C 101 18.78 9.44 -16.14
CA ASP C 101 18.80 9.28 -14.69
C ASP C 101 19.54 8.02 -14.22
N GLY C 102 20.70 7.74 -14.80
CA GLY C 102 21.42 6.52 -14.47
C GLY C 102 20.60 5.25 -14.68
N GLN C 103 19.60 5.32 -15.55
CA GLN C 103 18.79 4.14 -15.88
C GLN C 103 18.73 3.91 -17.38
N GLU C 104 18.34 2.72 -17.79
CA GLU C 104 18.13 2.50 -19.21
C GLU C 104 17.05 1.47 -19.44
N THR C 105 16.57 1.47 -20.67
CA THR C 105 15.60 0.51 -21.13
C THR C 105 15.97 0.29 -22.60
N THR C 106 15.65 -0.88 -23.13
CA THR C 106 15.94 -1.14 -24.53
C THR C 106 14.70 -1.60 -25.27
N LEU C 107 14.60 -1.14 -26.50
CA LEU C 107 13.53 -1.55 -27.40
C LEU C 107 14.19 -2.27 -28.56
N VAL C 108 14.02 -3.59 -28.63
CA VAL C 108 14.56 -4.35 -29.76
C VAL C 108 13.42 -4.72 -30.73
N ARG C 109 13.66 -4.47 -32.02
CA ARG C 109 12.72 -4.83 -33.08
C ARG C 109 13.39 -5.78 -34.07
N GLU C 110 12.75 -6.90 -34.35
CA GLU C 110 13.25 -7.83 -35.35
C GLU C 110 12.10 -8.41 -36.12
N LEU C 111 12.39 -8.88 -37.32
CA LEU C 111 11.38 -9.44 -38.18
C LEU C 111 11.40 -10.97 -38.04
N ILE C 112 10.25 -11.52 -37.68
CA ILE C 112 10.09 -12.97 -37.55
C ILE C 112 8.79 -13.42 -38.22
N ASP C 113 8.94 -14.20 -39.30
CA ASP C 113 7.80 -14.71 -40.05
C ASP C 113 6.93 -13.63 -40.66
N GLY C 114 7.55 -12.57 -41.16
CA GLY C 114 6.79 -11.48 -41.75
C GLY C 114 6.14 -10.55 -40.72
N LYS C 115 6.36 -10.85 -39.45
CA LYS C 115 5.85 -10.00 -38.38
C LYS C 115 6.97 -9.21 -37.71
N LEU C 116 6.69 -7.95 -37.38
CA LEU C 116 7.62 -7.14 -36.62
C LEU C 116 7.41 -7.42 -35.12
N ILE C 117 8.49 -7.78 -34.44
CA ILE C 117 8.38 -8.07 -33.04
C ILE C 117 9.17 -7.06 -32.21
N LEU C 118 8.46 -6.29 -31.39
CA LEU C 118 9.06 -5.27 -30.55
C LEU C 118 9.18 -5.78 -29.12
N THR C 119 10.40 -5.83 -28.60
CA THR C 119 10.63 -6.25 -27.23
C THR C 119 11.13 -5.07 -26.40
N LEU C 120 10.43 -4.75 -25.31
CA LEU C 120 10.77 -3.65 -24.43
C LEU C 120 11.19 -4.19 -23.09
N THR C 121 12.41 -3.84 -22.69
CA THR C 121 12.96 -4.35 -21.44
C THR C 121 13.36 -3.21 -20.54
N HIS C 122 12.81 -3.20 -19.33
CA HIS C 122 13.29 -2.32 -18.28
C HIS C 122 13.51 -3.13 -17.01
N GLY C 123 14.77 -3.45 -16.71
CA GLY C 123 15.06 -4.34 -15.58
C GLY C 123 14.45 -5.71 -15.87
N THR C 124 13.72 -6.25 -14.88
CA THR C 124 13.07 -7.57 -15.01
C THR C 124 11.77 -7.52 -15.80
N ALA C 125 11.27 -6.31 -16.09
CA ALA C 125 10.05 -6.11 -16.88
C ALA C 125 10.31 -6.25 -18.38
N VAL C 126 9.73 -7.30 -18.97
CA VAL C 126 9.93 -7.58 -20.39
C VAL C 126 8.60 -7.61 -21.13
N CYS C 127 8.41 -6.67 -22.03
CA CYS C 127 7.18 -6.60 -22.81
C CYS C 127 7.42 -7.03 -24.25
N THR C 128 6.47 -7.79 -24.81
CA THR C 128 6.53 -8.19 -26.20
C THR C 128 5.31 -7.69 -26.98
N ARG C 129 5.56 -6.91 -28.02
CA ARG C 129 4.49 -6.41 -28.88
C ARG C 129 4.67 -6.97 -30.29
N THR C 130 3.60 -7.53 -30.83
CA THR C 130 3.66 -8.19 -32.11
C THR C 130 2.87 -7.41 -33.17
N TYR C 131 3.50 -7.15 -34.31
CA TYR C 131 2.87 -6.34 -35.34
C TYR C 131 2.77 -7.10 -36.64
N GLU C 132 1.67 -6.89 -37.36
CA GLU C 132 1.50 -7.42 -38.72
C GLU C 132 1.69 -6.29 -39.69
N LYS C 133 2.24 -6.60 -40.86
CA LYS C 133 2.45 -5.58 -41.87
C LYS C 133 1.09 -5.19 -42.46
N GLU C 134 0.90 -3.91 -42.71
CA GLU C 134 -0.40 -3.43 -43.16
C GLU C 134 -0.38 -3.17 -44.66
N ALA C 135 0.82 -3.21 -45.24
CA ALA C 135 1.01 -3.06 -46.69
C ALA C 135 -0.14 -2.34 -47.38
N SER D 1 -15.09 40.25 -22.32
CA SER D 1 -14.69 40.78 -23.61
C SER D 1 -13.60 41.85 -23.46
N HIS D 2 -13.97 42.98 -22.85
CA HIS D 2 -13.00 43.96 -22.39
C HIS D 2 -12.42 43.45 -21.07
N MET D 3 -13.19 42.57 -20.42
CA MET D 3 -12.75 41.88 -19.22
C MET D 3 -11.68 40.85 -19.56
N VAL D 4 -11.90 40.13 -20.65
CA VAL D 4 -10.94 39.17 -21.17
C VAL D 4 -9.63 39.86 -21.54
N ASP D 5 -9.72 41.13 -21.91
CA ASP D 5 -8.56 41.87 -22.38
C ASP D 5 -7.41 41.88 -21.37
N ALA D 6 -7.73 41.90 -20.09
CA ALA D 6 -6.70 41.99 -19.06
C ALA D 6 -5.89 40.70 -18.88
N PHE D 7 -6.45 39.57 -19.35
CA PHE D 7 -5.82 38.26 -19.23
C PHE D 7 -4.74 38.06 -20.26
N LEU D 8 -4.71 38.91 -21.27
CA LEU D 8 -3.87 38.67 -22.43
C LEU D 8 -2.39 38.99 -22.18
N GLY D 9 -1.53 38.12 -22.69
CA GLY D 9 -0.11 38.30 -22.55
C GLY D 9 0.55 37.04 -22.04
N THR D 10 1.81 37.16 -21.68
CA THR D 10 2.60 36.03 -21.25
C THR D 10 2.75 36.02 -19.72
N TRP D 11 2.44 34.87 -19.12
CA TRP D 11 2.48 34.72 -17.67
C TRP D 11 3.47 33.63 -17.24
N LYS D 12 4.32 33.97 -16.28
CA LYS D 12 5.30 33.03 -15.77
C LYS D 12 4.89 32.57 -14.37
N LEU D 13 4.84 31.25 -14.18
CA LEU D 13 4.51 30.69 -12.88
C LEU D 13 5.54 31.08 -11.84
N VAL D 14 5.11 31.69 -10.73
CA VAL D 14 6.05 32.07 -9.68
C VAL D 14 5.80 31.36 -8.35
N ASP D 15 4.67 30.66 -8.24
CA ASP D 15 4.35 29.95 -7.01
C ASP D 15 3.26 28.94 -7.20
N SER D 16 3.25 27.92 -6.34
CA SER D 16 2.34 26.81 -6.48
C SER D 16 1.95 26.23 -5.12
N LYS D 17 0.71 25.79 -5.00
CA LYS D 17 0.23 25.11 -3.79
C LYS D 17 -0.71 23.96 -4.16
N ASN D 18 -0.47 22.79 -3.53
CA ASN D 18 -1.23 21.55 -3.76
C ASN D 18 -1.32 21.05 -5.20
N PHE D 19 -0.38 21.44 -6.06
CA PHE D 19 -0.36 20.95 -7.44
C PHE D 19 -0.14 19.45 -7.50
N ASP D 20 0.91 18.97 -6.86
CA ASP D 20 1.17 17.53 -6.81
C ASP D 20 -0.07 16.78 -6.27
N ASP D 21 -0.73 17.33 -5.26
CA ASP D 21 -1.96 16.72 -4.72
C ASP D 21 -3.09 16.67 -5.75
N TYR D 22 -3.26 17.75 -6.49
CA TYR D 22 -4.24 17.80 -7.57
C TYR D 22 -4.00 16.69 -8.60
N MET D 23 -2.76 16.55 -9.07
CA MET D 23 -2.40 15.46 -9.99
C MET D 23 -2.64 14.05 -9.40
N LYS D 24 -2.29 13.82 -8.13
CA LYS D 24 -2.67 12.56 -7.48
C LYS D 24 -4.17 12.35 -7.60
N SER D 25 -4.92 13.43 -7.36
CA SER D 25 -6.38 13.39 -7.42
C SER D 25 -6.85 12.76 -8.72
N LEU D 26 -6.17 13.11 -9.81
CA LEU D 26 -6.50 12.67 -11.15
C LEU D 26 -5.85 11.34 -11.51
N GLY D 27 -5.07 10.78 -10.58
CA GLY D 27 -4.40 9.52 -10.83
C GLY D 27 -3.14 9.60 -11.69
N VAL D 28 -2.56 10.78 -11.80
CA VAL D 28 -1.28 10.93 -12.50
C VAL D 28 -0.20 10.10 -11.78
N GLY D 29 0.52 9.28 -12.52
CA GLY D 29 1.59 8.49 -11.92
C GLY D 29 2.59 9.39 -11.25
N PHE D 30 3.26 8.87 -10.22
CA PHE D 30 4.31 9.58 -9.49
C PHE D 30 5.43 10.10 -10.39
N ALA D 31 5.75 9.36 -11.45
CA ALA D 31 6.87 9.75 -12.31
C ALA D 31 6.53 11.02 -13.07
N THR D 32 5.38 11.00 -13.74
CA THR D 32 4.89 12.20 -14.41
C THR D 32 4.74 13.35 -13.41
N ARG D 33 4.21 13.07 -12.22
CA ARG D 33 4.03 14.14 -11.25
C ARG D 33 5.35 14.85 -10.95
N GLN D 34 6.43 14.08 -10.83
CA GLN D 34 7.77 14.61 -10.53
C GLN D 34 8.22 15.63 -11.55
N VAL D 35 8.18 15.23 -12.81
CA VAL D 35 8.58 16.09 -13.91
C VAL D 35 7.77 17.38 -13.91
N ALA D 36 6.45 17.24 -13.78
CA ALA D 36 5.55 18.37 -13.92
C ALA D 36 5.60 19.35 -12.74
N SER D 37 5.64 18.82 -11.51
CA SER D 37 5.72 19.64 -10.30
C SER D 37 6.90 20.58 -10.37
N MET D 38 8.01 20.08 -10.91
CA MET D 38 9.26 20.83 -10.87
C MET D 38 9.32 21.99 -11.87
N THR D 39 8.53 21.93 -12.93
CA THR D 39 8.64 22.97 -13.94
C THR D 39 8.10 24.31 -13.43
N LYS D 40 8.49 25.39 -14.10
CA LYS D 40 7.89 26.70 -13.90
C LYS D 40 7.34 27.16 -15.24
N PRO D 41 6.16 26.66 -15.60
CA PRO D 41 5.63 26.82 -16.95
C PRO D 41 5.29 28.26 -17.26
N THR D 42 5.27 28.57 -18.54
CA THR D 42 4.76 29.85 -19.01
C THR D 42 3.40 29.64 -19.67
N THR D 43 2.46 30.53 -19.41
CA THR D 43 1.19 30.47 -20.11
C THR D 43 0.97 31.73 -20.92
N ILE D 44 0.69 31.54 -22.20
CA ILE D 44 0.43 32.66 -23.08
C ILE D 44 -1.06 32.69 -23.43
N ILE D 45 -1.71 33.83 -23.18
CA ILE D 45 -3.11 33.96 -23.50
C ILE D 45 -3.29 34.94 -24.65
N GLU D 46 -4.01 34.52 -25.68
CA GLU D 46 -4.25 35.41 -26.80
C GLU D 46 -5.64 35.34 -27.41
N LYS D 47 -5.99 36.38 -28.16
CA LYS D 47 -7.31 36.53 -28.71
C LYS D 47 -7.21 36.88 -30.19
N ASN D 48 -7.95 36.16 -31.01
CA ASN D 48 -8.12 36.50 -32.42
C ASN D 48 -9.60 36.53 -32.76
N GLY D 49 -10.18 37.71 -32.62
CA GLY D 49 -11.62 37.88 -32.80
C GLY D 49 -12.40 37.14 -31.73
N ASP D 50 -13.06 36.06 -32.14
CA ASP D 50 -13.92 35.31 -31.23
C ASP D 50 -13.17 34.17 -30.57
N ILE D 51 -12.09 33.72 -31.21
CA ILE D 51 -11.32 32.60 -30.71
C ILE D 51 -10.29 33.03 -29.67
N LEU D 52 -10.37 32.42 -28.49
CA LEU D 52 -9.33 32.56 -27.47
C LEU D 52 -8.38 31.38 -27.55
N THR D 53 -7.11 31.64 -27.29
CA THR D 53 -6.09 30.59 -27.30
C THR D 53 -5.22 30.66 -26.06
N LEU D 54 -5.11 29.53 -25.35
CA LEU D 54 -4.20 29.39 -24.22
C LEU D 54 -3.12 28.38 -24.57
N LYS D 55 -1.85 28.82 -24.48
CA LYS D 55 -0.72 27.92 -24.69
C LYS D 55 0.02 27.80 -23.37
N THR D 56 0.41 26.59 -23.02
CA THR D 56 1.37 26.40 -21.95
C THR D 56 2.71 25.93 -22.54
N HIS D 57 3.77 26.66 -22.22
CA HIS D 57 5.12 26.27 -22.62
C HIS D 57 5.93 25.87 -21.40
N SER D 58 6.51 24.67 -21.46
CA SER D 58 7.34 24.19 -20.37
C SER D 58 8.25 23.04 -20.83
N THR D 59 9.26 22.72 -20.02
CA THR D 59 10.17 21.60 -20.35
C THR D 59 9.49 20.26 -20.18
N PHE D 60 8.44 20.22 -19.37
CA PHE D 60 7.66 19.00 -19.21
C PHE D 60 6.84 18.70 -20.45
N LYS D 61 6.25 19.74 -21.03
CA LYS D 61 5.31 19.55 -22.12
C LYS D 61 4.71 20.90 -22.52
N ASN D 62 4.58 21.12 -23.82
CA ASN D 62 3.80 22.23 -24.34
C ASN D 62 2.38 21.78 -24.71
N THR D 63 1.39 22.63 -24.43
CA THR D 63 0.02 22.36 -24.81
C THR D 63 -0.64 23.61 -25.35
N GLU D 64 -1.74 23.43 -26.07
CA GLU D 64 -2.47 24.57 -26.65
C GLU D 64 -3.95 24.24 -26.84
N ILE D 65 -4.82 25.13 -26.38
CA ILE D 65 -6.24 25.00 -26.69
C ILE D 65 -6.79 26.30 -27.26
N SER D 66 -7.76 26.17 -28.16
CA SER D 66 -8.49 27.31 -28.69
C SER D 66 -9.99 27.07 -28.55
N PHE D 67 -10.75 28.11 -28.26
CA PHE D 67 -12.16 27.98 -27.96
C PHE D 67 -12.86 29.32 -28.08
N LYS D 68 -14.19 29.30 -28.03
CA LYS D 68 -14.97 30.52 -27.92
C LYS D 68 -15.70 30.46 -26.59
N LEU D 69 -15.81 31.60 -25.92
CA LEU D 69 -16.57 31.65 -24.68
C LEU D 69 -17.94 31.01 -24.88
N GLY D 70 -18.35 30.19 -23.92
CA GLY D 70 -19.68 29.64 -23.86
C GLY D 70 -19.95 28.55 -24.88
N VAL D 71 -18.92 28.10 -25.58
CA VAL D 71 -19.09 27.03 -26.56
C VAL D 71 -18.29 25.77 -26.23
N GLU D 72 -18.99 24.65 -26.04
CA GLU D 72 -18.32 23.42 -25.63
C GLU D 72 -17.29 23.03 -26.68
N PHE D 73 -16.20 22.43 -26.21
CA PHE D 73 -15.17 21.89 -27.11
C PHE D 73 -14.43 20.69 -26.50
N ASP D 74 -13.91 19.83 -27.36
CA ASP D 74 -13.12 18.69 -26.92
C ASP D 74 -11.69 19.12 -26.64
N GLU D 75 -11.14 18.59 -25.56
CA GLU D 75 -9.77 18.91 -25.15
C GLU D 75 -9.05 17.67 -24.66
N THR D 76 -7.78 17.55 -25.04
CA THR D 76 -6.92 16.53 -24.47
C THR D 76 -5.97 17.23 -23.53
N THR D 77 -5.96 16.81 -22.26
CA THR D 77 -5.21 17.51 -21.22
C THR D 77 -3.74 17.07 -21.13
N ALA D 78 -2.95 17.87 -20.42
CA ALA D 78 -1.53 17.57 -20.23
C ALA D 78 -1.32 16.14 -19.72
N ASP D 79 -2.27 15.64 -18.93
CA ASP D 79 -2.19 14.27 -18.42
C ASP D 79 -2.99 13.24 -19.26
N ASP D 80 -3.32 13.61 -20.50
CA ASP D 80 -3.91 12.67 -21.48
C ASP D 80 -5.38 12.28 -21.24
N ARG D 81 -6.09 13.06 -20.43
CA ARG D 81 -7.53 12.87 -20.29
C ARG D 81 -8.26 13.46 -21.49
N LYS D 82 -9.22 12.71 -22.02
CA LYS D 82 -10.09 13.21 -23.07
C LYS D 82 -11.36 13.76 -22.42
N VAL D 83 -11.49 15.08 -22.42
CA VAL D 83 -12.56 15.73 -21.69
C VAL D 83 -13.42 16.61 -22.61
N LYS D 84 -14.63 16.92 -22.16
CA LYS D 84 -15.46 17.92 -22.81
C LYS D 84 -15.34 19.19 -21.99
N SER D 85 -14.99 20.28 -22.66
CA SER D 85 -14.68 21.51 -21.95
C SER D 85 -15.57 22.67 -22.36
N ILE D 86 -15.64 23.66 -21.49
CA ILE D 86 -16.33 24.88 -21.81
C ILE D 86 -15.77 25.99 -20.93
N VAL D 87 -15.55 27.15 -21.53
CA VAL D 87 -15.03 28.28 -20.80
C VAL D 87 -16.03 29.44 -20.80
N THR D 88 -16.32 29.96 -19.60
CA THR D 88 -17.19 31.10 -19.45
C THR D 88 -16.49 32.23 -18.68
N LEU D 89 -17.05 33.42 -18.75
CA LEU D 89 -16.56 34.59 -18.03
C LEU D 89 -17.58 35.04 -16.99
N ASP D 90 -17.27 34.86 -15.70
CA ASP D 90 -18.18 35.25 -14.62
C ASP D 90 -17.61 36.42 -13.88
N GLY D 91 -17.97 37.61 -14.32
CA GLY D 91 -17.40 38.82 -13.77
C GLY D 91 -15.99 38.91 -14.26
N GLY D 92 -15.04 38.72 -13.34
CA GLY D 92 -13.63 38.77 -13.71
C GLY D 92 -13.01 37.40 -13.87
N LYS D 93 -13.80 36.36 -13.64
CA LYS D 93 -13.26 35.01 -13.62
C LYS D 93 -13.46 34.26 -14.93
N LEU D 94 -12.37 33.77 -15.52
CA LEU D 94 -12.45 32.78 -16.60
C LEU D 94 -12.60 31.41 -15.97
N VAL D 95 -13.78 30.82 -16.12
CA VAL D 95 -14.11 29.56 -15.48
C VAL D 95 -14.08 28.46 -16.52
N HIS D 96 -13.11 27.55 -16.39
CA HIS D 96 -12.90 26.47 -17.36
C HIS D 96 -13.35 25.15 -16.73
N LEU D 97 -14.39 24.56 -17.30
CA LEU D 97 -14.96 23.34 -16.72
C LEU D 97 -14.67 22.14 -17.62
N GLN D 98 -14.12 21.07 -17.05
CA GLN D 98 -13.78 19.85 -17.82
C GLN D 98 -14.59 18.67 -17.34
N LYS D 99 -15.17 17.94 -18.28
CA LYS D 99 -15.97 16.77 -17.93
C LYS D 99 -15.45 15.54 -18.62
N TRP D 100 -15.48 14.42 -17.92
CA TRP D 100 -15.10 13.13 -18.49
C TRP D 100 -15.42 12.02 -17.49
N ASP D 101 -15.78 10.86 -18.01
CA ASP D 101 -15.99 9.68 -17.16
C ASP D 101 -16.82 9.99 -15.90
N GLY D 102 -17.93 10.71 -16.05
CA GLY D 102 -18.77 11.05 -14.92
C GLY D 102 -18.10 11.96 -13.89
N GLN D 103 -16.93 12.51 -14.24
CA GLN D 103 -16.18 13.36 -13.34
C GLN D 103 -16.06 14.80 -13.87
N GLU D 104 -15.67 15.70 -12.98
CA GLU D 104 -15.60 17.11 -13.27
C GLU D 104 -14.38 17.69 -12.60
N THR D 105 -13.70 18.60 -13.28
CA THR D 105 -12.70 19.41 -12.62
C THR D 105 -12.80 20.83 -13.17
N THR D 106 -12.65 21.84 -12.31
CA THR D 106 -12.69 23.23 -12.77
C THR D 106 -11.38 24.00 -12.62
N LEU D 107 -11.04 24.73 -13.66
CA LEU D 107 -9.87 25.60 -13.65
C LEU D 107 -10.38 27.04 -13.73
N VAL D 108 -10.15 27.82 -12.67
CA VAL D 108 -10.58 29.21 -12.61
C VAL D 108 -9.38 30.16 -12.63
N ARG D 109 -9.35 31.08 -13.59
CA ARG D 109 -8.28 32.09 -13.62
C ARG D 109 -8.87 33.45 -13.37
N GLU D 110 -8.31 34.17 -12.40
CA GLU D 110 -8.70 35.54 -12.16
C GLU D 110 -7.49 36.40 -11.82
N LEU D 111 -7.65 37.70 -12.01
CA LEU D 111 -6.57 38.65 -11.79
C LEU D 111 -6.71 39.29 -10.42
N ILE D 112 -5.62 39.28 -9.66
CA ILE D 112 -5.60 39.83 -8.32
C ILE D 112 -4.25 40.49 -8.10
N ASP D 113 -4.27 41.81 -7.88
CA ASP D 113 -3.07 42.64 -7.76
C ASP D 113 -2.11 42.44 -8.92
N GLY D 114 -2.64 42.45 -10.15
CA GLY D 114 -1.82 42.28 -11.33
C GLY D 114 -1.18 40.90 -11.51
N LYS D 115 -1.42 39.98 -10.56
CA LYS D 115 -1.01 38.59 -10.73
C LYS D 115 -2.16 37.73 -11.29
N LEU D 116 -1.84 36.77 -12.13
CA LEU D 116 -2.82 35.81 -12.61
C LEU D 116 -2.88 34.61 -11.64
N ILE D 117 -4.06 34.33 -11.12
CA ILE D 117 -4.22 33.25 -10.15
C ILE D 117 -5.10 32.11 -10.69
N LEU D 118 -4.47 30.98 -10.99
CA LEU D 118 -5.17 29.81 -11.49
C LEU D 118 -5.54 28.90 -10.32
N THR D 119 -6.83 28.57 -10.21
CA THR D 119 -7.28 27.66 -9.16
C THR D 119 -7.85 26.40 -9.80
N LEU D 120 -7.30 25.25 -9.42
CA LEU D 120 -7.71 23.98 -9.99
C LEU D 120 -8.34 23.13 -8.91
N THR D 121 -9.55 22.66 -9.19
CA THR D 121 -10.32 21.96 -8.17
C THR D 121 -10.80 20.60 -8.64
N HIS D 122 -10.57 19.57 -7.84
CA HIS D 122 -11.09 18.24 -8.13
C HIS D 122 -11.48 17.57 -6.82
N GLY D 123 -12.78 17.50 -6.56
CA GLY D 123 -13.24 17.05 -5.25
C GLY D 123 -12.59 17.92 -4.20
N THR D 124 -11.95 17.32 -3.22
CA THR D 124 -11.32 18.08 -2.13
C THR D 124 -9.92 18.62 -2.47
N ALA D 125 -9.38 18.24 -3.63
CA ALA D 125 -8.04 18.69 -4.02
C ALA D 125 -8.12 20.07 -4.65
N VAL D 126 -7.61 21.07 -3.94
CA VAL D 126 -7.65 22.43 -4.45
C VAL D 126 -6.23 22.99 -4.58
N CYS D 127 -5.82 23.20 -5.82
CA CYS D 127 -4.49 23.72 -6.11
C CYS D 127 -4.55 25.17 -6.60
N THR D 128 -3.69 26.00 -6.04
CA THR D 128 -3.57 27.40 -6.44
C THR D 128 -2.23 27.66 -7.09
N ARG D 129 -2.27 28.24 -8.28
CA ARG D 129 -1.07 28.51 -9.02
C ARG D 129 -0.97 29.97 -9.41
N THR D 130 0.11 30.62 -8.99
CA THR D 130 0.23 32.07 -9.11
C THR D 130 1.26 32.46 -10.16
N TYR D 131 0.85 33.37 -11.05
CA TYR D 131 1.66 33.80 -12.19
C TYR D 131 1.89 35.30 -12.17
N GLU D 132 3.07 35.75 -12.59
CA GLU D 132 3.34 37.16 -12.82
C GLU D 132 3.35 37.45 -14.32
N LYS D 133 3.01 38.67 -14.71
CA LYS D 133 3.01 39.02 -16.13
C LYS D 133 4.43 39.26 -16.59
N GLU D 134 4.77 38.76 -17.77
CA GLU D 134 6.11 38.97 -18.32
C GLU D 134 6.18 40.27 -19.11
N ALA D 135 5.17 40.51 -19.94
CA ALA D 135 5.10 41.72 -20.75
C ALA D 135 6.47 42.09 -21.34
N SER E 1 -17.17 -23.60 -30.65
CA SER E 1 -16.13 -22.60 -30.41
C SER E 1 -16.65 -21.17 -30.59
N HIS E 2 -17.55 -20.98 -31.56
CA HIS E 2 -18.16 -19.67 -31.80
C HIS E 2 -18.82 -19.09 -30.55
N MET E 3 -19.09 -19.95 -29.56
CA MET E 3 -19.67 -19.53 -28.29
C MET E 3 -18.68 -18.64 -27.56
N VAL E 4 -17.41 -18.79 -27.90
CA VAL E 4 -16.32 -18.07 -27.26
C VAL E 4 -16.28 -16.59 -27.64
N ASP E 5 -16.70 -16.26 -28.86
CA ASP E 5 -16.74 -14.87 -29.32
C ASP E 5 -17.50 -13.96 -28.34
N ALA E 6 -18.51 -14.52 -27.70
CA ALA E 6 -19.34 -13.81 -26.74
C ALA E 6 -18.52 -13.30 -25.55
N PHE E 7 -17.55 -14.09 -25.11
CA PHE E 7 -16.73 -13.72 -23.97
C PHE E 7 -15.72 -12.64 -24.29
N LEU E 8 -15.40 -12.46 -25.57
CA LEU E 8 -14.29 -11.56 -25.96
C LEU E 8 -14.53 -10.08 -25.62
N GLY E 9 -13.51 -9.42 -25.09
CA GLY E 9 -13.64 -8.02 -24.74
C GLY E 9 -13.03 -7.66 -23.39
N THR E 10 -13.35 -6.46 -22.90
CA THR E 10 -12.78 -5.96 -21.65
C THR E 10 -13.88 -5.83 -20.61
N TRP E 11 -13.68 -6.48 -19.46
CA TRP E 11 -14.70 -6.57 -18.43
C TRP E 11 -14.16 -6.04 -17.12
N LYS E 12 -14.88 -5.12 -16.48
CA LYS E 12 -14.46 -4.67 -15.15
C LYS E 12 -15.42 -5.11 -14.05
N LEU E 13 -14.84 -5.46 -12.90
CA LEU E 13 -15.60 -5.95 -11.76
C LEU E 13 -16.56 -4.88 -11.28
N VAL E 14 -17.79 -5.27 -11.01
CA VAL E 14 -18.77 -4.34 -10.46
C VAL E 14 -19.31 -4.89 -9.16
N ASP E 15 -19.02 -6.16 -8.90
CA ASP E 15 -19.61 -6.81 -7.74
C ASP E 15 -18.91 -8.12 -7.34
N SER E 16 -18.95 -8.46 -6.04
CA SER E 16 -18.18 -9.57 -5.51
C SER E 16 -18.72 -10.17 -4.21
N LYS E 17 -18.72 -11.50 -4.12
CA LYS E 17 -19.15 -12.16 -2.90
C LYS E 17 -18.21 -13.31 -2.52
N ASN E 18 -17.83 -13.33 -1.24
CA ASN E 18 -16.97 -14.38 -0.69
C ASN E 18 -15.55 -14.48 -1.28
N PHE E 19 -15.07 -13.43 -1.93
CA PHE E 19 -13.70 -13.44 -2.47
C PHE E 19 -12.69 -13.75 -1.38
N ASP E 20 -12.79 -13.05 -0.25
CA ASP E 20 -11.87 -13.26 0.86
C ASP E 20 -11.97 -14.70 1.36
N ASP E 21 -13.18 -15.23 1.46
CA ASP E 21 -13.35 -16.63 1.85
C ASP E 21 -12.60 -17.56 0.92
N TYR E 22 -12.79 -17.34 -0.38
CA TYR E 22 -12.12 -18.13 -1.40
C TYR E 22 -10.59 -18.12 -1.22
N MET E 23 -10.03 -16.93 -1.04
CA MET E 23 -8.60 -16.77 -0.84
C MET E 23 -8.10 -17.52 0.39
N LYS E 24 -8.80 -17.32 1.51
CA LYS E 24 -8.47 -18.03 2.75
C LYS E 24 -8.50 -19.54 2.53
N SER E 25 -9.44 -20.00 1.70
CA SER E 25 -9.56 -21.39 1.34
C SER E 25 -8.29 -21.88 0.67
N LEU E 26 -7.74 -21.03 -0.20
CA LEU E 26 -6.56 -21.37 -0.98
C LEU E 26 -5.29 -21.21 -0.17
N GLY E 27 -5.38 -20.53 0.97
CA GLY E 27 -4.22 -20.39 1.84
C GLY E 27 -3.37 -19.19 1.45
N VAL E 28 -3.97 -18.25 0.73
CA VAL E 28 -3.29 -17.04 0.32
C VAL E 28 -2.68 -16.34 1.54
N GLY E 29 -1.47 -15.83 1.39
CA GLY E 29 -0.83 -15.13 2.49
C GLY E 29 -1.61 -13.91 2.98
N PHE E 30 -1.40 -13.54 4.23
CA PHE E 30 -2.16 -12.47 4.86
C PHE E 30 -2.09 -11.14 4.12
N ALA E 31 -0.87 -10.69 3.86
CA ALA E 31 -0.70 -9.37 3.30
C ALA E 31 -1.26 -9.38 1.89
N THR E 32 -1.08 -10.49 1.18
CA THR E 32 -1.56 -10.62 -0.19
C THR E 32 -3.09 -10.50 -0.22
N ARG E 33 -3.73 -11.03 0.81
CA ARG E 33 -5.19 -11.00 0.81
C ARG E 33 -5.68 -9.60 1.08
N GLN E 34 -5.03 -8.92 2.03
CA GLN E 34 -5.41 -7.55 2.35
C GLN E 34 -5.37 -6.70 1.08
N VAL E 35 -4.31 -6.84 0.31
CA VAL E 35 -4.17 -6.04 -0.91
C VAL E 35 -5.14 -6.46 -2.01
N ALA E 36 -5.27 -7.76 -2.26
CA ALA E 36 -6.15 -8.24 -3.33
C ALA E 36 -7.63 -7.92 -3.04
N SER E 37 -8.02 -7.92 -1.77
CA SER E 37 -9.39 -7.62 -1.35
C SER E 37 -9.79 -6.18 -1.59
N MET E 38 -8.80 -5.30 -1.70
CA MET E 38 -9.07 -3.87 -1.88
C MET E 38 -8.71 -3.44 -3.30
N THR E 39 -8.57 -4.41 -4.19
CA THR E 39 -8.21 -4.14 -5.58
C THR E 39 -9.35 -4.47 -6.54
N LYS E 40 -9.71 -3.52 -7.39
CA LYS E 40 -10.72 -3.76 -8.44
C LYS E 40 -10.09 -4.19 -9.78
N PRO E 41 -10.19 -5.48 -10.12
CA PRO E 41 -9.50 -5.98 -11.33
C PRO E 41 -10.33 -5.80 -12.59
N THR E 42 -9.60 -5.75 -13.70
CA THR E 42 -10.22 -5.74 -15.02
C THR E 42 -9.78 -7.00 -15.72
N THR E 43 -10.71 -7.64 -16.42
CA THR E 43 -10.37 -8.84 -17.18
C THR E 43 -10.47 -8.57 -18.68
N ILE E 44 -9.52 -9.10 -19.44
CA ILE E 44 -9.45 -8.86 -20.87
C ILE E 44 -9.34 -10.19 -21.60
N ILE E 45 -10.33 -10.50 -22.44
CA ILE E 45 -10.36 -11.79 -23.13
C ILE E 45 -10.17 -11.58 -24.63
N GLU E 46 -9.23 -12.32 -25.19
CA GLU E 46 -8.78 -12.09 -26.55
C GLU E 46 -8.57 -13.41 -27.27
N LYS E 47 -8.71 -13.38 -28.58
CA LYS E 47 -8.60 -14.56 -29.42
C LYS E 47 -7.65 -14.20 -30.56
N ASN E 48 -6.57 -14.94 -30.71
CA ASN E 48 -5.68 -14.79 -31.86
C ASN E 48 -5.54 -16.14 -32.54
N GLY E 49 -6.55 -16.50 -33.32
CA GLY E 49 -6.58 -17.78 -34.00
C GLY E 49 -7.22 -18.87 -33.16
N ASP E 50 -6.44 -19.88 -32.81
CA ASP E 50 -6.92 -20.96 -31.95
C ASP E 50 -6.47 -20.71 -30.52
N ILE E 51 -5.79 -19.59 -30.32
CA ILE E 51 -5.23 -19.25 -29.03
C ILE E 51 -6.09 -18.23 -28.30
N LEU E 52 -6.60 -18.62 -27.14
CA LEU E 52 -7.29 -17.68 -26.27
C LEU E 52 -6.33 -17.08 -25.26
N THR E 53 -6.63 -15.85 -24.86
CA THR E 53 -5.81 -15.12 -23.91
C THR E 53 -6.71 -14.49 -22.84
N LEU E 54 -6.44 -14.83 -21.58
CA LEU E 54 -7.06 -14.10 -20.45
C LEU E 54 -6.06 -13.25 -19.67
N LYS E 55 -6.34 -11.95 -19.60
CA LYS E 55 -5.50 -11.03 -18.84
C LYS E 55 -6.26 -10.36 -17.70
N THR E 56 -5.64 -10.29 -16.52
CA THR E 56 -6.16 -9.44 -15.45
C THR E 56 -5.21 -8.25 -15.29
N HIS E 57 -5.76 -7.03 -15.37
CA HIS E 57 -4.99 -5.81 -15.06
C HIS E 57 -5.57 -5.22 -13.81
N SER E 58 -4.69 -4.80 -12.90
CA SER E 58 -5.12 -4.21 -11.64
C SER E 58 -3.96 -3.42 -11.10
N THR E 59 -4.23 -2.61 -10.07
CA THR E 59 -3.20 -1.82 -9.41
C THR E 59 -2.33 -2.68 -8.49
N PHE E 60 -2.79 -3.90 -8.21
CA PHE E 60 -2.07 -4.83 -7.34
C PHE E 60 -1.11 -5.69 -8.16
N LYS E 61 -1.66 -6.41 -9.13
CA LYS E 61 -0.90 -7.38 -9.91
C LYS E 61 -1.58 -7.61 -11.25
N ASN E 62 -0.78 -7.83 -12.29
CA ASN E 62 -1.33 -8.21 -13.58
C ASN E 62 -0.99 -9.66 -13.83
N THR E 63 -1.90 -10.41 -14.45
CA THR E 63 -1.58 -11.76 -14.89
C THR E 63 -2.04 -12.02 -16.31
N GLU E 64 -1.47 -13.06 -16.91
CA GLU E 64 -1.87 -13.49 -18.23
C GLU E 64 -1.75 -15.01 -18.40
N ILE E 65 -2.70 -15.59 -19.11
CA ILE E 65 -2.64 -16.98 -19.55
C ILE E 65 -3.02 -17.06 -21.03
N SER E 66 -2.27 -17.85 -21.78
CA SER E 66 -2.56 -18.13 -23.18
C SER E 66 -2.75 -19.63 -23.30
N PHE E 67 -3.78 -20.06 -24.02
CA PHE E 67 -4.07 -21.49 -24.06
C PHE E 67 -4.98 -21.82 -25.23
N LYS E 68 -5.03 -23.10 -25.60
CA LYS E 68 -6.03 -23.57 -26.54
C LYS E 68 -7.08 -24.30 -25.74
N LEU E 69 -8.33 -24.24 -26.18
CA LEU E 69 -9.39 -25.01 -25.53
C LEU E 69 -9.00 -26.48 -25.48
N GLY E 70 -9.32 -27.13 -24.36
CA GLY E 70 -9.03 -28.54 -24.15
C GLY E 70 -7.58 -28.98 -24.11
N VAL E 71 -6.62 -28.06 -24.01
CA VAL E 71 -5.21 -28.44 -23.93
C VAL E 71 -4.59 -27.97 -22.62
N GLU E 72 -3.96 -28.90 -21.90
CA GLU E 72 -3.41 -28.59 -20.60
C GLU E 72 -2.18 -27.69 -20.70
N PHE E 73 -2.10 -26.69 -19.84
CA PHE E 73 -0.95 -25.80 -19.81
C PHE E 73 -0.55 -25.55 -18.36
N ASP E 74 0.73 -25.25 -18.14
CA ASP E 74 1.21 -24.84 -16.82
C ASP E 74 0.82 -23.40 -16.55
N GLU E 75 0.45 -23.11 -15.31
CA GLU E 75 0.03 -21.78 -14.94
C GLU E 75 0.59 -21.38 -13.57
N THR E 76 1.12 -20.17 -13.47
CA THR E 76 1.47 -19.60 -12.17
C THR E 76 0.43 -18.54 -11.82
N THR E 77 -0.27 -18.72 -10.71
CA THR E 77 -1.47 -17.92 -10.44
C THR E 77 -1.11 -16.63 -9.73
N ALA E 78 -2.04 -15.67 -9.69
CA ALA E 78 -1.78 -14.39 -9.03
C ALA E 78 -1.20 -14.61 -7.64
N ASP E 79 -1.68 -15.63 -6.94
CA ASP E 79 -1.22 -15.89 -5.58
C ASP E 79 -0.04 -16.87 -5.53
N ASP E 80 0.57 -17.09 -6.68
CA ASP E 80 1.75 -17.92 -6.80
C ASP E 80 1.60 -19.44 -6.62
N ARG E 81 0.40 -19.96 -6.82
CA ARG E 81 0.27 -21.39 -6.97
C ARG E 81 0.81 -21.79 -8.36
N LYS E 82 1.64 -22.84 -8.39
CA LYS E 82 2.06 -23.47 -9.64
C LYS E 82 1.14 -24.63 -9.95
N VAL E 83 0.25 -24.44 -10.93
CA VAL E 83 -0.81 -25.41 -11.18
C VAL E 83 -0.78 -25.95 -12.61
N LYS E 84 -1.52 -27.03 -12.80
CA LYS E 84 -1.79 -27.55 -14.13
C LYS E 84 -3.21 -27.12 -14.49
N SER E 85 -3.34 -26.42 -15.61
CA SER E 85 -4.63 -25.87 -15.97
C SER E 85 -5.17 -26.38 -17.29
N ILE E 86 -6.49 -26.38 -17.39
CA ILE E 86 -7.13 -26.61 -18.65
C ILE E 86 -8.46 -25.86 -18.72
N VAL E 87 -8.77 -25.35 -19.91
CA VAL E 87 -9.97 -24.57 -20.11
C VAL E 87 -10.83 -25.24 -21.16
N THR E 88 -12.06 -25.57 -20.80
CA THR E 88 -13.00 -26.21 -21.71
C THR E 88 -14.28 -25.38 -21.88
N LEU E 89 -15.09 -25.80 -22.84
CA LEU E 89 -16.35 -25.12 -23.13
C LEU E 89 -17.49 -26.13 -22.93
N ASP E 90 -18.31 -25.90 -21.91
CA ASP E 90 -19.43 -26.76 -21.59
C ASP E 90 -20.71 -25.98 -21.83
N GLY E 91 -21.20 -26.07 -23.06
CA GLY E 91 -22.34 -25.27 -23.48
C GLY E 91 -21.91 -23.83 -23.68
N GLY E 92 -22.37 -22.97 -22.77
CA GLY E 92 -22.01 -21.57 -22.81
C GLY E 92 -21.05 -21.23 -21.70
N LYS E 93 -20.74 -22.22 -20.86
CA LYS E 93 -19.85 -21.98 -19.74
C LYS E 93 -18.38 -22.19 -20.10
N LEU E 94 -17.58 -21.15 -19.86
CA LEU E 94 -16.14 -21.26 -20.04
C LEU E 94 -15.55 -21.76 -18.71
N VAL E 95 -15.12 -23.02 -18.70
CA VAL E 95 -14.67 -23.66 -17.47
C VAL E 95 -13.15 -23.76 -17.36
N HIS E 96 -12.58 -23.13 -16.34
CA HIS E 96 -11.14 -23.21 -16.12
C HIS E 96 -10.89 -24.06 -14.88
N LEU E 97 -10.28 -25.22 -15.07
CA LEU E 97 -9.87 -26.07 -13.95
C LEU E 97 -8.37 -25.95 -13.65
N GLN E 98 -8.02 -25.71 -12.38
CA GLN E 98 -6.64 -25.71 -11.93
C GLN E 98 -6.38 -26.88 -10.99
N LYS E 99 -5.30 -27.62 -11.22
CA LYS E 99 -4.92 -28.71 -10.34
C LYS E 99 -3.52 -28.52 -9.78
N TRP E 100 -3.35 -28.82 -8.50
CA TRP E 100 -2.01 -28.84 -7.91
C TRP E 100 -2.01 -29.59 -6.58
N ASP E 101 -0.88 -30.19 -6.24
CA ASP E 101 -0.67 -30.79 -4.92
C ASP E 101 -1.93 -31.39 -4.30
N GLY E 102 -2.58 -32.29 -5.03
CA GLY E 102 -3.76 -32.97 -4.52
C GLY E 102 -5.01 -32.11 -4.34
N GLN E 103 -4.97 -30.88 -4.81
CA GLN E 103 -6.14 -30.02 -4.74
C GLN E 103 -6.57 -29.54 -6.10
N GLU E 104 -7.73 -28.90 -6.16
CA GLU E 104 -8.17 -28.30 -7.39
C GLU E 104 -9.15 -27.18 -7.10
N THR E 105 -9.30 -26.29 -8.06
CA THR E 105 -10.24 -25.19 -7.95
C THR E 105 -10.77 -24.97 -9.35
N THR E 106 -12.04 -24.59 -9.47
CA THR E 106 -12.61 -24.29 -10.77
C THR E 106 -13.02 -22.82 -10.86
N LEU E 107 -12.71 -22.22 -12.01
CA LEU E 107 -13.10 -20.85 -12.27
C LEU E 107 -14.02 -20.91 -13.48
N VAL E 108 -15.32 -20.80 -13.23
CA VAL E 108 -16.32 -20.87 -14.28
C VAL E 108 -16.81 -19.47 -14.65
N ARG E 109 -16.88 -19.22 -15.95
CA ARG E 109 -17.40 -17.94 -16.45
C ARG E 109 -18.58 -18.17 -17.38
N GLU E 110 -19.71 -17.54 -17.09
CA GLU E 110 -20.81 -17.58 -18.04
C GLU E 110 -21.39 -16.21 -18.26
N LEU E 111 -22.09 -16.04 -19.37
CA LEU E 111 -22.69 -14.77 -19.69
C LEU E 111 -24.15 -14.78 -19.30
N ILE E 112 -24.57 -13.75 -18.58
CA ILE E 112 -25.92 -13.65 -18.08
C ILE E 112 -26.35 -12.19 -18.15
N ASP E 113 -27.27 -11.90 -19.09
CA ASP E 113 -27.76 -10.54 -19.28
C ASP E 113 -26.66 -9.58 -19.71
N GLY E 114 -25.71 -10.09 -20.49
CA GLY E 114 -24.64 -9.26 -21.02
C GLY E 114 -23.61 -8.90 -19.97
N LYS E 115 -23.64 -9.60 -18.84
CA LYS E 115 -22.65 -9.44 -17.78
C LYS E 115 -21.85 -10.73 -17.62
N LEU E 116 -20.54 -10.61 -17.43
CA LEU E 116 -19.72 -11.79 -17.20
C LEU E 116 -19.78 -12.17 -15.72
N ILE E 117 -20.16 -13.41 -15.45
CA ILE E 117 -20.24 -13.90 -14.08
C ILE E 117 -19.19 -14.97 -13.83
N LEU E 118 -18.27 -14.67 -12.91
CA LEU E 118 -17.16 -15.56 -12.58
C LEU E 118 -17.45 -16.26 -11.26
N THR E 119 -17.43 -17.59 -11.29
CA THR E 119 -17.62 -18.38 -10.09
C THR E 119 -16.33 -19.15 -9.75
N LEU E 120 -15.75 -18.82 -8.60
CA LEU E 120 -14.55 -19.49 -8.14
C LEU E 120 -14.92 -20.39 -6.97
N THR E 121 -14.60 -21.68 -7.12
CA THR E 121 -14.91 -22.68 -6.13
C THR E 121 -13.66 -23.43 -5.68
N HIS E 122 -13.49 -23.55 -4.38
CA HIS E 122 -12.45 -24.40 -3.82
C HIS E 122 -12.91 -24.93 -2.47
N GLY E 123 -13.03 -26.24 -2.37
CA GLY E 123 -13.66 -26.83 -1.21
C GLY E 123 -15.08 -26.30 -1.08
N THR E 124 -15.44 -25.82 0.11
CA THR E 124 -16.78 -25.32 0.35
C THR E 124 -16.87 -23.83 0.06
N ALA E 125 -15.73 -23.24 -0.32
CA ALA E 125 -15.68 -21.81 -0.56
C ALA E 125 -16.08 -21.48 -1.99
N VAL E 126 -17.14 -20.70 -2.11
CA VAL E 126 -17.68 -20.33 -3.42
C VAL E 126 -17.80 -18.84 -3.57
N CYS E 127 -17.10 -18.31 -4.54
CA CYS E 127 -17.08 -16.88 -4.72
C CYS E 127 -17.72 -16.58 -6.05
N THR E 128 -18.53 -15.54 -6.04
CA THR E 128 -19.20 -15.11 -7.24
C THR E 128 -18.79 -13.67 -7.48
N ARG E 129 -18.20 -13.40 -8.65
CA ARG E 129 -17.87 -12.03 -9.05
C ARG E 129 -18.55 -11.68 -10.37
N THR E 130 -19.12 -10.48 -10.44
CA THR E 130 -19.83 -10.02 -11.60
C THR E 130 -19.07 -8.92 -12.33
N TYR E 131 -18.93 -9.05 -13.65
CA TYR E 131 -18.24 -8.05 -14.46
C TYR E 131 -19.17 -7.43 -15.48
N GLU E 132 -18.99 -6.12 -15.69
CA GLU E 132 -19.67 -5.42 -16.76
C GLU E 132 -18.71 -5.22 -17.92
N LYS E 133 -19.24 -5.27 -19.13
CA LYS E 133 -18.41 -5.08 -20.31
C LYS E 133 -18.13 -3.59 -20.54
N GLU E 134 -16.88 -3.24 -20.82
CA GLU E 134 -16.49 -1.85 -21.02
C GLU E 134 -16.75 -1.36 -22.44
N ALA E 135 -16.53 -2.22 -23.43
CA ALA E 135 -16.73 -1.85 -24.84
C ALA E 135 -15.75 -0.74 -25.26
N HIS F 2 38.42 -21.63 10.23
CA HIS F 2 38.37 -21.15 8.84
C HIS F 2 38.27 -19.62 8.78
N MET F 3 38.68 -19.07 7.64
CA MET F 3 38.58 -17.63 7.39
C MET F 3 37.11 -17.22 7.37
N VAL F 4 36.26 -18.19 7.09
CA VAL F 4 34.83 -17.98 6.94
C VAL F 4 34.09 -17.82 8.26
N ASP F 5 34.55 -18.52 9.30
CA ASP F 5 33.93 -18.45 10.63
C ASP F 5 33.71 -17.00 11.07
N ALA F 6 34.65 -16.14 10.73
CA ALA F 6 34.59 -14.75 11.11
C ALA F 6 33.35 -14.01 10.57
N PHE F 7 32.82 -14.48 9.45
CA PHE F 7 31.62 -13.90 8.83
C PHE F 7 30.33 -14.37 9.50
N LEU F 8 30.39 -15.52 10.18
CA LEU F 8 29.20 -16.14 10.74
C LEU F 8 28.49 -15.28 11.80
N GLY F 9 27.17 -15.18 11.69
CA GLY F 9 26.40 -14.48 12.70
C GLY F 9 25.26 -13.65 12.14
N THR F 10 24.66 -12.84 13.01
CA THR F 10 23.59 -11.95 12.59
C THR F 10 24.13 -10.54 12.45
N TRP F 11 23.86 -9.90 11.32
CA TRP F 11 24.45 -8.61 11.01
C TRP F 11 23.35 -7.61 10.68
N LYS F 12 23.41 -6.42 11.26
CA LYS F 12 22.40 -5.41 10.98
C LYS F 12 22.94 -4.21 10.21
N LEU F 13 22.22 -3.80 9.17
CA LEU F 13 22.64 -2.67 8.34
C LEU F 13 22.67 -1.43 9.21
N VAL F 14 23.82 -0.77 9.27
CA VAL F 14 23.86 0.51 9.97
C VAL F 14 24.15 1.65 9.00
N ASP F 15 24.62 1.32 7.81
CA ASP F 15 24.92 2.38 6.87
C ASP F 15 24.92 1.92 5.42
N SER F 16 24.64 2.87 4.53
CA SER F 16 24.49 2.57 3.13
C SER F 16 24.92 3.77 2.32
N LYS F 17 25.63 3.51 1.23
CA LYS F 17 26.04 4.56 0.31
C LYS F 17 25.84 4.12 -1.16
N ASN F 18 25.06 4.89 -1.91
CA ASN F 18 24.88 4.62 -3.33
C ASN F 18 24.06 3.38 -3.67
N PHE F 19 23.31 2.85 -2.71
CA PHE F 19 22.45 1.70 -2.99
C PHE F 19 21.39 1.99 -4.07
N ASP F 20 20.76 3.16 -3.99
CA ASP F 20 19.78 3.56 -4.99
C ASP F 20 20.36 3.64 -6.41
N ASP F 21 21.60 4.14 -6.54
CA ASP F 21 22.26 4.19 -7.84
C ASP F 21 22.53 2.79 -8.36
N TYR F 22 22.89 1.90 -7.44
CA TYR F 22 23.15 0.50 -7.76
C TYR F 22 21.89 -0.15 -8.35
N MET F 23 20.79 -0.05 -7.61
CA MET F 23 19.51 -0.57 -8.09
C MET F 23 19.09 0.06 -9.42
N LYS F 24 19.30 1.37 -9.55
CA LYS F 24 19.01 2.04 -10.81
C LYS F 24 19.76 1.39 -11.98
N SER F 25 21.03 1.07 -11.77
CA SER F 25 21.86 0.45 -12.79
C SER F 25 21.36 -0.93 -13.17
N LEU F 26 20.60 -1.55 -12.27
CA LEU F 26 19.97 -2.85 -12.50
C LEU F 26 18.58 -2.73 -13.12
N GLY F 27 18.14 -1.50 -13.38
CA GLY F 27 16.80 -1.32 -13.95
C GLY F 27 15.66 -1.55 -12.98
N VAL F 28 15.92 -1.51 -11.67
CA VAL F 28 14.84 -1.53 -10.68
C VAL F 28 13.97 -0.26 -10.74
N GLY F 29 12.64 -0.44 -10.60
CA GLY F 29 11.73 0.70 -10.64
C GLY F 29 11.65 1.50 -9.34
N PHE F 30 11.14 2.72 -9.41
CA PHE F 30 11.05 3.58 -8.24
C PHE F 30 10.35 2.93 -7.05
N ALA F 31 9.21 2.28 -7.27
CA ALA F 31 8.45 1.74 -6.16
C ALA F 31 9.29 0.74 -5.36
N THR F 32 10.01 -0.12 -6.08
CA THR F 32 10.82 -1.14 -5.43
C THR F 32 12.06 -0.52 -4.80
N ARG F 33 12.70 0.39 -5.52
CA ARG F 33 13.83 1.10 -4.97
C ARG F 33 13.49 1.81 -3.65
N GLN F 34 12.36 2.51 -3.63
CA GLN F 34 11.90 3.21 -2.44
C GLN F 34 11.87 2.26 -1.23
N VAL F 35 11.13 1.17 -1.36
CA VAL F 35 11.02 0.22 -0.26
C VAL F 35 12.35 -0.47 0.07
N ALA F 36 13.07 -0.95 -0.94
CA ALA F 36 14.38 -1.56 -0.70
C ALA F 36 15.34 -0.55 -0.04
N SER F 37 15.28 0.71 -0.47
CA SER F 37 16.13 1.76 0.11
C SER F 37 15.85 2.06 1.57
N MET F 38 14.57 2.16 1.93
CA MET F 38 14.19 2.63 3.26
C MET F 38 14.33 1.57 4.37
N THR F 39 14.23 0.29 4.01
CA THR F 39 14.42 -0.77 4.98
C THR F 39 15.83 -0.76 5.56
N LYS F 40 15.97 -1.34 6.74
CA LYS F 40 17.30 -1.66 7.24
C LYS F 40 17.30 -3.13 7.59
N PRO F 41 17.86 -3.93 6.67
CA PRO F 41 17.74 -5.39 6.77
C PRO F 41 18.73 -5.96 7.77
N THR F 42 18.38 -7.16 8.24
CA THR F 42 19.24 -8.03 8.99
C THR F 42 19.76 -9.09 8.02
N THR F 43 21.02 -9.45 8.15
CA THR F 43 21.57 -10.55 7.37
C THR F 43 22.21 -11.60 8.28
N ILE F 44 21.74 -12.85 8.12
CA ILE F 44 22.22 -13.98 8.92
C ILE F 44 23.05 -14.94 8.05
N ILE F 45 24.30 -15.15 8.44
CA ILE F 45 25.21 -16.01 7.70
C ILE F 45 25.52 -17.20 8.56
N GLU F 46 25.23 -18.40 8.06
CA GLU F 46 25.44 -19.60 8.86
C GLU F 46 26.09 -20.73 8.06
N LYS F 47 26.60 -21.71 8.80
CA LYS F 47 27.36 -22.81 8.21
C LYS F 47 26.83 -24.16 8.68
N ASN F 48 26.70 -25.10 7.76
CA ASN F 48 26.34 -26.47 8.08
C ASN F 48 27.22 -27.41 7.28
N GLY F 49 28.47 -27.55 7.73
CA GLY F 49 29.45 -28.38 7.05
C GLY F 49 29.92 -27.78 5.74
N ASP F 50 29.54 -28.43 4.65
CA ASP F 50 29.87 -27.97 3.31
C ASP F 50 29.09 -26.70 2.96
N ILE F 51 27.92 -26.54 3.55
CA ILE F 51 26.94 -25.60 3.04
C ILE F 51 26.88 -24.28 3.81
N LEU F 52 27.14 -23.18 3.11
CA LEU F 52 26.98 -21.84 3.67
C LEU F 52 25.58 -21.30 3.38
N THR F 53 25.07 -20.47 4.28
CA THR F 53 23.76 -19.86 4.07
C THR F 53 23.75 -18.36 4.39
N LEU F 54 23.33 -17.57 3.41
CA LEU F 54 23.02 -16.16 3.62
C LEU F 54 21.52 -15.91 3.57
N LYS F 55 20.96 -15.47 4.70
CA LYS F 55 19.57 -15.06 4.74
C LYS F 55 19.51 -13.55 4.93
N THR F 56 18.59 -12.90 4.20
CA THR F 56 18.22 -11.51 4.47
C THR F 56 16.78 -11.42 4.95
N HIS F 57 16.59 -10.86 6.14
CA HIS F 57 15.24 -10.57 6.64
C HIS F 57 15.00 -9.07 6.67
N SER F 58 13.83 -8.65 6.21
CA SER F 58 13.56 -7.23 6.10
C SER F 58 12.06 -6.97 5.94
N THR F 59 11.66 -5.70 6.07
CA THR F 59 10.25 -5.37 5.88
C THR F 59 9.95 -5.27 4.40
N PHE F 60 10.98 -5.39 3.57
CA PHE F 60 10.78 -5.37 2.14
C PHE F 60 10.54 -6.79 1.68
N LYS F 61 11.35 -7.72 2.16
CA LYS F 61 11.35 -9.06 1.59
C LYS F 61 12.37 -9.94 2.28
N ASN F 62 12.09 -11.24 2.36
CA ASN F 62 13.04 -12.24 2.83
C ASN F 62 13.69 -13.00 1.69
N THR F 63 15.01 -13.18 1.76
CA THR F 63 15.72 -14.06 0.80
C THR F 63 16.67 -15.02 1.51
N GLU F 64 17.04 -16.09 0.82
CA GLU F 64 18.00 -17.05 1.33
C GLU F 64 18.76 -17.72 0.19
N ILE F 65 20.07 -17.88 0.36
CA ILE F 65 20.83 -18.74 -0.54
C ILE F 65 21.67 -19.75 0.23
N SER F 66 21.76 -20.96 -0.31
CA SER F 66 22.66 -21.98 0.19
C SER F 66 23.62 -22.38 -0.90
N PHE F 67 24.87 -22.60 -0.52
CA PHE F 67 25.91 -22.87 -1.51
C PHE F 67 27.14 -23.42 -0.85
N LYS F 68 28.00 -24.00 -1.68
CA LYS F 68 29.29 -24.47 -1.25
C LYS F 68 30.29 -23.55 -1.91
N LEU F 69 31.32 -23.13 -1.19
CA LEU F 69 32.36 -22.31 -1.79
C LEU F 69 32.82 -22.91 -3.12
N GLY F 70 32.89 -22.09 -4.15
CA GLY F 70 33.49 -22.52 -5.40
C GLY F 70 32.64 -23.41 -6.28
N VAL F 71 31.40 -23.66 -5.86
CA VAL F 71 30.45 -24.41 -6.68
C VAL F 71 29.34 -23.49 -7.20
N GLU F 72 29.17 -23.46 -8.52
CA GLU F 72 28.17 -22.58 -9.14
C GLU F 72 26.74 -22.98 -8.79
N PHE F 73 25.85 -21.99 -8.69
CA PHE F 73 24.44 -22.27 -8.41
C PHE F 73 23.48 -21.23 -8.97
N ASP F 74 22.25 -21.65 -9.20
CA ASP F 74 21.20 -20.74 -9.66
C ASP F 74 20.67 -19.90 -8.51
N GLU F 75 20.34 -18.66 -8.82
CA GLU F 75 19.83 -17.75 -7.81
C GLU F 75 18.79 -16.80 -8.39
N THR F 76 17.75 -16.55 -7.61
CA THR F 76 16.77 -15.53 -7.94
C THR F 76 16.95 -14.39 -6.94
N THR F 77 17.38 -13.24 -7.42
CA THR F 77 17.68 -12.12 -6.54
C THR F 77 16.42 -11.41 -6.04
N ALA F 78 16.60 -10.55 -5.04
CA ALA F 78 15.52 -9.76 -4.46
C ALA F 78 14.75 -8.96 -5.52
N ASP F 79 15.46 -8.37 -6.48
CA ASP F 79 14.79 -7.65 -7.57
C ASP F 79 14.36 -8.60 -8.69
N ASP F 80 14.42 -9.90 -8.42
CA ASP F 80 13.96 -10.92 -9.37
C ASP F 80 14.82 -11.19 -10.61
N ARG F 81 16.12 -10.94 -10.54
CA ARG F 81 16.98 -11.39 -11.61
C ARG F 81 17.21 -12.90 -11.43
N LYS F 82 17.19 -13.65 -12.52
CA LYS F 82 17.52 -15.05 -12.49
C LYS F 82 18.97 -15.13 -12.92
N VAL F 83 19.86 -15.38 -11.98
CA VAL F 83 21.29 -15.28 -12.26
C VAL F 83 22.01 -16.56 -11.90
N LYS F 84 23.21 -16.73 -12.45
CA LYS F 84 24.10 -17.84 -12.11
C LYS F 84 25.17 -17.29 -11.14
N SER F 85 25.32 -17.93 -10.01
CA SER F 85 26.17 -17.38 -8.96
C SER F 85 27.25 -18.33 -8.54
N ILE F 86 28.35 -17.75 -8.07
CA ILE F 86 29.38 -18.51 -7.40
C ILE F 86 29.98 -17.63 -6.30
N VAL F 87 30.25 -18.24 -5.15
CA VAL F 87 30.90 -17.55 -4.05
C VAL F 87 32.26 -18.20 -3.80
N THR F 88 33.29 -17.35 -3.74
CA THR F 88 34.63 -17.80 -3.43
C THR F 88 35.20 -16.98 -2.30
N LEU F 89 36.23 -17.52 -1.65
CA LEU F 89 36.95 -16.86 -0.59
C LEU F 89 38.32 -16.46 -1.09
N ASP F 90 38.54 -15.15 -1.22
CA ASP F 90 39.79 -14.62 -1.75
C ASP F 90 40.47 -13.81 -0.67
N GLY F 91 41.32 -14.48 0.11
CA GLY F 91 41.94 -13.85 1.26
C GLY F 91 40.95 -13.80 2.41
N GLY F 92 40.60 -12.59 2.82
CA GLY F 92 39.62 -12.42 3.87
C GLY F 92 38.28 -12.08 3.28
N LYS F 93 38.24 -11.93 1.95
CA LYS F 93 37.03 -11.45 1.29
C LYS F 93 36.17 -12.58 0.77
N LEU F 94 34.91 -12.55 1.17
CA LEU F 94 33.91 -13.43 0.59
C LEU F 94 33.40 -12.74 -0.67
N VAL F 95 33.70 -13.34 -1.82
CA VAL F 95 33.37 -12.74 -3.11
C VAL F 95 32.23 -13.47 -3.85
N HIS F 96 31.08 -12.79 -3.99
CA HIS F 96 29.90 -13.35 -4.67
C HIS F 96 29.69 -12.74 -6.06
N LEU F 97 29.81 -13.55 -7.09
CA LEU F 97 29.65 -13.09 -8.47
C LEU F 97 28.36 -13.58 -9.12
N GLN F 98 27.56 -12.66 -9.64
CA GLN F 98 26.28 -12.99 -10.25
C GLN F 98 26.37 -12.71 -11.74
N LYS F 99 25.91 -13.66 -12.57
CA LYS F 99 25.92 -13.46 -14.02
C LYS F 99 24.53 -13.68 -14.62
N TRP F 100 24.17 -12.84 -15.58
CA TRP F 100 22.96 -13.03 -16.35
C TRP F 100 22.98 -12.17 -17.61
N ASP F 101 22.41 -12.65 -18.70
CA ASP F 101 22.17 -11.83 -19.90
C ASP F 101 23.28 -10.83 -20.23
N GLY F 102 24.50 -11.33 -20.39
CA GLY F 102 25.62 -10.47 -20.74
C GLY F 102 25.96 -9.38 -19.71
N GLN F 103 25.55 -9.58 -18.46
CA GLN F 103 25.86 -8.63 -17.40
C GLN F 103 26.47 -9.36 -16.25
N GLU F 104 27.17 -8.65 -15.38
CA GLU F 104 27.58 -9.26 -14.12
C GLU F 104 27.66 -8.22 -13.04
N THR F 105 27.52 -8.67 -11.80
CA THR F 105 27.68 -7.81 -10.65
C THR F 105 28.41 -8.61 -9.59
N THR F 106 29.27 -7.95 -8.82
CA THR F 106 29.98 -8.61 -7.74
C THR F 106 29.56 -8.02 -6.41
N LEU F 107 29.42 -8.90 -5.42
CA LEU F 107 29.02 -8.50 -4.09
C LEU F 107 30.12 -9.04 -3.22
N VAL F 108 31.02 -8.17 -2.80
CA VAL F 108 32.13 -8.56 -1.94
C VAL F 108 31.89 -8.20 -0.47
N ARG F 109 32.05 -9.17 0.41
CA ARG F 109 31.97 -8.89 1.84
C ARG F 109 33.33 -9.08 2.50
N GLU F 110 33.69 -8.16 3.38
CA GLU F 110 34.90 -8.30 4.19
C GLU F 110 34.70 -7.70 5.56
N LEU F 111 35.49 -8.18 6.51
CA LEU F 111 35.39 -7.69 7.87
C LEU F 111 36.46 -6.64 8.11
N ILE F 112 36.00 -5.46 8.51
CA ILE F 112 36.89 -4.36 8.83
C ILE F 112 36.51 -3.76 10.18
N ASP F 113 37.47 -3.69 11.09
CA ASP F 113 37.21 -3.10 12.40
C ASP F 113 35.97 -3.70 13.05
N GLY F 114 35.72 -4.98 12.81
CA GLY F 114 34.63 -5.67 13.45
C GLY F 114 33.27 -5.46 12.81
N LYS F 115 33.23 -4.64 11.77
CA LYS F 115 32.00 -4.47 10.98
C LYS F 115 32.10 -5.24 9.66
N LEU F 116 30.97 -5.74 9.19
CA LEU F 116 30.94 -6.39 7.90
C LEU F 116 30.63 -5.35 6.83
N ILE F 117 31.52 -5.23 5.84
CA ILE F 117 31.32 -4.27 4.76
C ILE F 117 31.02 -4.99 3.45
N LEU F 118 29.86 -4.69 2.89
CA LEU F 118 29.38 -5.28 1.66
C LEU F 118 29.56 -4.26 0.56
N THR F 119 30.31 -4.62 -0.46
CA THR F 119 30.50 -3.73 -1.60
C THR F 119 29.83 -4.31 -2.86
N LEU F 120 28.86 -3.58 -3.39
CA LEU F 120 28.10 -4.01 -4.56
C LEU F 120 28.56 -3.24 -5.79
N THR F 121 29.07 -3.97 -6.78
CA THR F 121 29.48 -3.30 -8.01
C THR F 121 28.71 -3.80 -9.22
N HIS F 122 28.14 -2.88 -9.98
CA HIS F 122 27.58 -3.23 -11.28
C HIS F 122 27.94 -2.14 -12.28
N GLY F 123 28.78 -2.45 -13.25
CA GLY F 123 29.29 -1.40 -14.13
C GLY F 123 29.96 -0.29 -13.33
N THR F 124 29.55 0.95 -13.56
CA THR F 124 30.18 2.09 -12.87
C THR F 124 29.58 2.35 -11.49
N ALA F 125 28.47 1.68 -11.19
CA ALA F 125 27.80 1.82 -9.90
C ALA F 125 28.47 1.02 -8.78
N VAL F 126 29.01 1.72 -7.78
CA VAL F 126 29.62 1.07 -6.61
C VAL F 126 28.90 1.44 -5.32
N CYS F 127 28.35 0.44 -4.65
CA CYS F 127 27.56 0.68 -3.45
C CYS F 127 28.27 0.08 -2.26
N THR F 128 28.26 0.79 -1.15
CA THR F 128 28.90 0.28 0.04
C THR F 128 27.89 0.18 1.14
N ARG F 129 27.83 -0.99 1.76
CA ARG F 129 26.84 -1.22 2.80
C ARG F 129 27.49 -1.83 4.04
N THR F 130 27.27 -1.20 5.18
CA THR F 130 28.01 -1.51 6.40
C THR F 130 27.11 -2.12 7.47
N TYR F 131 27.51 -3.25 8.02
CA TYR F 131 26.74 -3.94 9.04
C TYR F 131 27.49 -4.01 10.37
N GLU F 132 26.75 -3.90 11.46
CA GLU F 132 27.30 -4.18 12.78
C GLU F 132 26.77 -5.53 13.21
N LYS F 133 27.57 -6.25 13.99
CA LYS F 133 27.17 -7.58 14.45
C LYS F 133 26.22 -7.45 15.62
N GLU F 134 25.19 -8.28 15.64
CA GLU F 134 24.19 -8.20 16.69
C GLU F 134 24.57 -9.13 17.83
N ALA F 135 25.05 -10.32 17.49
CA ALA F 135 25.40 -11.32 18.49
C ALA F 135 24.27 -11.56 19.50
N SER G 1 17.89 36.69 7.15
CA SER G 1 17.48 36.58 5.75
C SER G 1 18.49 35.83 4.89
N HIS G 2 19.67 36.41 4.71
CA HIS G 2 20.72 35.78 3.90
C HIS G 2 20.98 34.34 4.37
N MET G 3 20.83 34.10 5.67
CA MET G 3 21.02 32.75 6.22
C MET G 3 19.96 31.82 5.65
N VAL G 4 18.76 32.35 5.44
CA VAL G 4 17.65 31.59 4.88
C VAL G 4 17.84 31.18 3.41
N ASP G 5 18.54 32.01 2.64
CA ASP G 5 18.79 31.73 1.22
C ASP G 5 19.49 30.39 0.97
N ALA G 6 20.43 30.02 1.84
CA ALA G 6 21.15 28.77 1.70
C ALA G 6 20.25 27.53 1.78
N PHE G 7 19.16 27.63 2.53
CA PHE G 7 18.23 26.50 2.69
C PHE G 7 17.37 26.26 1.46
N LEU G 8 17.30 27.23 0.56
CA LEU G 8 16.30 27.21 -0.49
C LEU G 8 16.57 26.15 -1.54
N GLY G 9 15.53 25.39 -1.89
CA GLY G 9 15.65 24.49 -3.01
C GLY G 9 14.99 23.15 -2.74
N THR G 10 15.35 22.17 -3.55
CA THR G 10 14.76 20.84 -3.45
C THR G 10 15.79 19.87 -2.90
N TRP G 11 15.41 19.13 -1.87
CA TRP G 11 16.34 18.26 -1.14
C TRP G 11 15.79 16.86 -1.04
N LYS G 12 16.55 15.84 -1.46
CA LYS G 12 16.06 14.48 -1.27
C LYS G 12 16.77 13.71 -0.15
N LEU G 13 16.00 12.91 0.58
CA LEU G 13 16.54 12.18 1.71
C LEU G 13 17.56 11.17 1.22
N VAL G 14 18.66 11.04 1.95
CA VAL G 14 19.69 10.08 1.59
C VAL G 14 20.16 9.30 2.80
N ASP G 15 19.66 9.66 3.97
CA ASP G 15 20.03 8.94 5.17
C ASP G 15 19.07 9.24 6.32
N SER G 16 18.77 8.22 7.11
CA SER G 16 17.83 8.35 8.21
C SER G 16 18.31 7.57 9.42
N LYS G 17 18.09 8.12 10.60
CA LYS G 17 18.41 7.43 11.83
C LYS G 17 17.34 7.70 12.91
N ASN G 18 16.74 6.63 13.44
CA ASN G 18 15.77 6.74 14.55
C ASN G 18 14.41 7.37 14.20
N PHE G 19 14.09 7.45 12.92
CA PHE G 19 12.83 8.06 12.49
C PHE G 19 11.64 7.29 13.07
N ASP G 20 11.76 5.96 13.12
CA ASP G 20 10.65 5.15 13.64
C ASP G 20 10.53 5.35 15.15
N ASP G 21 11.66 5.37 15.84
CA ASP G 21 11.65 5.67 17.28
C ASP G 21 10.96 7.00 17.56
N TYR G 22 11.24 7.98 16.72
CA TYR G 22 10.69 9.32 16.90
C TYR G 22 9.17 9.29 16.70
N MET G 23 8.72 8.63 15.64
CA MET G 23 7.29 8.41 15.40
C MET G 23 6.64 7.66 16.55
N LYS G 24 7.28 6.60 17.04
CA LYS G 24 6.70 5.83 18.15
C LYS G 24 6.55 6.76 19.35
N SER G 25 7.48 7.70 19.47
CA SER G 25 7.49 8.66 20.55
C SER G 25 6.31 9.63 20.44
N LEU G 26 5.98 10.02 19.22
CA LEU G 26 4.82 10.87 18.97
C LEU G 26 3.50 10.12 19.17
N GLY G 27 3.54 8.79 19.09
CA GLY G 27 2.32 8.01 19.22
C GLY G 27 1.64 7.83 17.88
N VAL G 28 2.40 8.00 16.80
CA VAL G 28 1.84 7.82 15.47
C VAL G 28 1.17 6.44 15.33
N GLY G 29 -0.02 6.41 14.72
CA GLY G 29 -0.73 5.14 14.51
C GLY G 29 0.07 4.07 13.76
N PHE G 30 -0.18 2.81 14.11
CA PHE G 30 0.65 1.70 13.59
C PHE G 30 0.85 1.70 12.06
N ALA G 31 -0.24 1.79 11.30
CA ALA G 31 -0.18 1.67 9.86
C ALA G 31 0.45 2.90 9.23
N THR G 32 0.13 4.06 9.78
CA THR G 32 0.75 5.30 9.37
C THR G 32 2.28 5.19 9.48
N ARG G 33 2.76 4.63 10.58
CA ARG G 33 4.20 4.46 10.75
C ARG G 33 4.80 3.49 9.73
N GLN G 34 4.16 2.33 9.54
CA GLN G 34 4.68 1.37 8.58
C GLN G 34 4.89 2.07 7.24
N VAL G 35 3.86 2.75 6.76
CA VAL G 35 3.95 3.40 5.45
C VAL G 35 4.96 4.54 5.43
N ALA G 36 4.94 5.39 6.46
CA ALA G 36 5.86 6.52 6.49
C ALA G 36 7.32 6.05 6.57
N SER G 37 7.57 4.93 7.25
CA SER G 37 8.93 4.40 7.38
C SER G 37 9.51 3.98 6.05
N MET G 38 8.63 3.55 5.15
CA MET G 38 9.03 2.97 3.88
C MET G 38 8.90 3.95 2.75
N THR G 39 8.74 5.23 3.09
CA THR G 39 8.55 6.28 2.09
C THR G 39 9.78 7.21 2.05
N LYS G 40 10.20 7.60 0.86
CA LYS G 40 11.35 8.47 0.71
C LYS G 40 10.81 9.86 0.38
N PRO G 41 10.86 10.79 1.34
CA PRO G 41 10.29 12.12 1.12
C PRO G 41 11.31 13.06 0.45
N THR G 42 10.77 14.03 -0.27
CA THR G 42 11.52 15.12 -0.84
C THR G 42 11.07 16.43 -0.19
N THR G 43 12.02 17.25 0.23
CA THR G 43 11.67 18.49 0.91
C THR G 43 11.95 19.69 -0.02
N ILE G 44 10.96 20.57 -0.13
CA ILE G 44 11.11 21.74 -1.00
C ILE G 44 10.94 23.01 -0.19
N ILE G 45 11.94 23.88 -0.24
CA ILE G 45 11.95 25.11 0.55
C ILE G 45 11.98 26.32 -0.35
N GLU G 46 11.02 27.23 -0.15
CA GLU G 46 10.85 28.35 -1.06
C GLU G 46 10.62 29.63 -0.30
N LYS G 47 10.88 30.74 -0.98
CA LYS G 47 10.69 32.06 -0.40
C LYS G 47 9.95 32.91 -1.42
N ASN G 48 8.85 33.52 -1.01
CA ASN G 48 8.12 34.48 -1.85
C ASN G 48 7.82 35.72 -1.02
N GLY G 49 8.63 36.76 -1.21
CA GLY G 49 8.52 37.96 -0.39
C GLY G 49 9.05 37.66 0.99
N ASP G 50 8.30 37.98 2.03
CA ASP G 50 8.73 37.57 3.38
C ASP G 50 8.03 36.27 3.84
N ILE G 51 7.36 35.60 2.90
CA ILE G 51 6.75 34.31 3.19
C ILE G 51 7.63 33.12 2.79
N LEU G 52 7.89 32.25 3.77
CA LEU G 52 8.62 31.00 3.54
C LEU G 52 7.63 29.83 3.48
N THR G 53 7.96 28.85 2.65
CA THR G 53 7.17 27.61 2.59
C THR G 53 8.06 26.39 2.65
N LEU G 54 7.61 25.39 3.41
CA LEU G 54 8.26 24.09 3.46
C LEU G 54 7.27 23.04 3.01
N LYS G 55 7.60 22.36 1.92
CA LYS G 55 6.77 21.30 1.37
C LYS G 55 7.47 19.94 1.49
N THR G 56 6.70 18.92 1.86
CA THR G 56 7.14 17.54 1.68
C THR G 56 6.29 16.84 0.60
N HIS G 57 6.95 16.37 -0.45
CA HIS G 57 6.31 15.52 -1.45
C HIS G 57 6.78 14.11 -1.26
N SER G 58 5.85 13.16 -1.33
CA SER G 58 6.16 11.75 -1.27
C SER G 58 4.99 10.93 -1.84
N THR G 59 5.18 9.63 -1.97
CA THR G 59 4.12 8.74 -2.42
C THR G 59 3.15 8.41 -1.27
N PHE G 60 3.47 8.88 -0.07
CA PHE G 60 2.62 8.64 1.08
C PHE G 60 1.66 9.80 1.32
N LYS G 61 2.21 10.98 1.56
CA LYS G 61 1.43 12.15 1.94
C LYS G 61 2.26 13.36 1.57
N ASN G 62 1.60 14.38 1.04
CA ASN G 62 2.24 15.68 0.89
C ASN G 62 1.82 16.62 2.02
N THR G 63 2.74 17.44 2.50
CA THR G 63 2.39 18.50 3.43
C THR G 63 2.98 19.81 2.94
N GLU G 64 2.41 20.92 3.41
CA GLU G 64 3.00 22.22 3.21
C GLU G 64 2.70 23.14 4.38
N ILE G 65 3.72 23.79 4.92
CA ILE G 65 3.51 24.89 5.84
C ILE G 65 3.94 26.19 5.16
N SER G 66 3.23 27.27 5.45
CA SER G 66 3.55 28.57 4.88
C SER G 66 3.56 29.57 6.04
N PHE G 67 4.61 30.37 6.16
CA PHE G 67 4.81 31.13 7.40
C PHE G 67 5.79 32.30 7.27
N LYS G 68 5.67 33.26 8.17
CA LYS G 68 6.75 34.23 8.37
C LYS G 68 7.57 33.82 9.58
N LEU G 69 8.85 34.14 9.56
CA LEU G 69 9.73 33.87 10.68
C LEU G 69 9.19 34.59 11.93
N GLY G 70 9.23 33.90 13.07
CA GLY G 70 8.86 34.51 14.33
C GLY G 70 7.38 34.76 14.53
N VAL G 71 6.55 34.37 13.55
CA VAL G 71 5.11 34.51 13.69
C VAL G 71 4.45 33.15 13.79
N GLU G 72 3.66 32.96 14.84
CA GLU G 72 3.04 31.67 15.12
C GLU G 72 1.91 31.35 14.15
N PHE G 73 1.78 30.08 13.79
CA PHE G 73 0.71 29.68 12.88
C PHE G 73 0.20 28.29 13.27
N ASP G 74 -1.07 28.00 12.97
CA ASP G 74 -1.61 26.66 13.21
C ASP G 74 -1.15 25.72 12.14
N GLU G 75 -0.93 24.46 12.52
CA GLU G 75 -0.44 23.45 11.59
C GLU G 75 -1.04 22.09 11.91
N THR G 76 -1.55 21.43 10.88
CA THR G 76 -1.96 20.03 10.97
C THR G 76 -0.84 19.19 10.35
N THR G 77 -0.23 18.30 11.14
CA THR G 77 0.97 17.58 10.71
C THR G 77 0.67 16.35 9.85
N ALA G 78 1.71 15.75 9.29
CA ALA G 78 1.56 14.55 8.48
C ALA G 78 0.78 13.49 9.26
N ASP G 79 1.15 13.29 10.53
CA ASP G 79 0.45 12.31 11.37
C ASP G 79 -0.78 12.90 12.07
N ASP G 80 -1.24 14.05 11.59
CA ASP G 80 -2.54 14.58 12.01
C ASP G 80 -2.61 15.15 13.43
N ARG G 81 -1.49 15.63 13.92
CA ARG G 81 -1.52 16.44 15.13
C ARG G 81 -1.95 17.84 14.75
N LYS G 82 -2.85 18.43 15.54
CA LYS G 82 -3.15 19.85 15.41
C LYS G 82 -2.25 20.64 16.36
N VAL G 83 -1.25 21.33 15.80
CA VAL G 83 -0.26 21.99 16.63
C VAL G 83 -0.18 23.49 16.42
N LYS G 84 0.45 24.18 17.37
CA LYS G 84 0.84 25.57 17.18
C LYS G 84 2.31 25.59 16.82
N SER G 85 2.62 26.20 15.70
CA SER G 85 3.97 26.20 15.19
C SER G 85 4.54 27.59 15.07
N ILE G 86 5.86 27.65 15.18
CA ILE G 86 6.62 28.86 14.93
C ILE G 86 8.02 28.48 14.43
N VAL G 87 8.47 29.14 13.38
CA VAL G 87 9.80 28.89 12.84
C VAL G 87 10.66 30.10 13.10
N THR G 88 11.85 29.88 13.64
CA THR G 88 12.78 30.96 13.92
C THR G 88 14.15 30.66 13.34
N LEU G 89 15.01 31.66 13.31
CA LEU G 89 16.37 31.53 12.79
C LEU G 89 17.37 31.80 13.91
N ASP G 90 18.12 30.76 14.27
CA ASP G 90 18.98 30.79 15.42
C ASP G 90 20.41 30.59 14.96
N GLY G 91 21.06 31.68 14.59
CA GLY G 91 22.35 31.60 13.93
C GLY G 91 22.17 31.00 12.55
N GLY G 92 22.71 29.80 12.37
CA GLY G 92 22.62 29.13 11.09
C GLY G 92 21.50 28.11 11.04
N LYS G 93 20.80 27.95 12.15
CA LYS G 93 19.80 26.89 12.28
C LYS G 93 18.37 27.38 12.06
N LEU G 94 17.64 26.69 11.19
CA LEU G 94 16.22 26.97 11.00
C LEU G 94 15.45 26.07 11.97
N VAL G 95 14.83 26.69 12.98
CA VAL G 95 14.21 25.93 14.07
C VAL G 95 12.68 25.95 14.04
N HIS G 96 12.09 24.78 13.81
CA HIS G 96 10.64 24.67 13.77
C HIS G 96 10.15 24.05 15.07
N LEU G 97 9.35 24.81 15.83
CA LEU G 97 8.84 24.31 17.10
C LEU G 97 7.33 24.06 17.01
N GLN G 98 6.90 22.86 17.38
CA GLN G 98 5.48 22.53 17.45
C GLN G 98 5.05 22.28 18.89
N LYS G 99 3.94 22.87 19.29
CA LYS G 99 3.34 22.60 20.60
C LYS G 99 1.90 22.12 20.41
N TRP G 100 1.47 21.22 21.29
CA TRP G 100 0.09 20.77 21.33
C TRP G 100 -0.08 20.01 22.65
N ASP G 101 -1.29 20.02 23.21
CA ASP G 101 -1.61 19.14 24.33
C ASP G 101 -0.54 19.07 25.41
N GLY G 102 0.02 20.21 25.81
CA GLY G 102 1.14 20.18 26.75
C GLY G 102 2.32 19.29 26.37
N GLN G 103 2.70 19.32 25.09
CA GLN G 103 3.90 18.64 24.60
C GLN G 103 4.52 19.50 23.54
N GLU G 104 5.74 19.16 23.15
CA GLU G 104 6.33 19.86 22.04
C GLU G 104 7.33 18.99 21.35
N THR G 105 7.68 19.38 20.14
CA THR G 105 8.69 18.71 19.38
C THR G 105 9.42 19.76 18.55
N THR G 106 10.72 19.56 18.33
CA THR G 106 11.49 20.49 17.52
C THR G 106 12.06 19.80 16.29
N LEU G 107 12.01 20.52 15.18
CA LEU G 107 12.55 20.05 13.93
C LEU G 107 13.54 21.12 13.51
N VAL G 108 14.83 20.83 13.68
CA VAL G 108 15.89 21.78 13.38
C VAL G 108 16.64 21.42 12.11
N ARG G 109 16.83 22.41 11.24
CA ARG G 109 17.58 22.20 10.01
C ARG G 109 18.86 23.05 9.97
N GLU G 110 19.94 22.45 9.49
CA GLU G 110 21.17 23.20 9.29
C GLU G 110 21.95 22.65 8.11
N LEU G 111 22.70 23.54 7.47
CA LEU G 111 23.52 23.12 6.37
C LEU G 111 24.88 22.76 6.94
N ILE G 112 25.35 21.57 6.57
CA ILE G 112 26.64 21.04 7.01
C ILE G 112 27.29 20.36 5.81
N ASP G 113 28.43 20.90 5.39
CA ASP G 113 29.14 20.39 4.21
C ASP G 113 28.21 20.25 3.01
N GLY G 114 27.34 21.23 2.81
CA GLY G 114 26.45 21.24 1.65
C GLY G 114 25.22 20.36 1.74
N LYS G 115 25.05 19.68 2.88
CA LYS G 115 23.87 18.84 3.05
C LYS G 115 22.91 19.44 4.08
N LEU G 116 21.62 19.19 3.91
CA LEU G 116 20.64 19.60 4.90
C LEU G 116 20.48 18.51 5.95
N ILE G 117 20.70 18.90 7.21
CA ILE G 117 20.60 17.97 8.32
C ILE G 117 19.36 18.33 9.14
N LEU G 118 18.43 17.39 9.19
CA LEU G 118 17.18 17.56 9.91
C LEU G 118 17.25 16.77 11.19
N THR G 119 17.04 17.47 12.31
CA THR G 119 17.03 16.84 13.62
C THR G 119 15.65 16.97 14.27
N LEU G 120 15.00 15.83 14.48
CA LEU G 120 13.65 15.78 15.04
C LEU G 120 13.74 15.28 16.45
N THR G 121 13.32 16.10 17.41
CA THR G 121 13.41 15.72 18.80
C THR G 121 12.06 15.70 19.46
N HIS G 122 11.76 14.61 20.14
CA HIS G 122 10.59 14.56 21.01
C HIS G 122 10.90 13.70 22.23
N GLY G 123 10.89 14.33 23.39
CA GLY G 123 11.31 13.66 24.61
C GLY G 123 12.76 13.20 24.48
N THR G 124 12.99 11.91 24.72
CA THR G 124 14.32 11.34 24.58
C THR G 124 14.59 10.82 23.17
N ALA G 125 13.59 10.84 22.29
CA ALA G 125 13.77 10.33 20.94
C ALA G 125 14.30 11.42 20.04
N VAL G 126 15.42 11.14 19.39
CA VAL G 126 16.10 12.09 18.53
C VAL G 126 16.43 11.39 17.23
N CYS G 127 15.92 11.92 16.14
CA CYS G 127 16.12 11.32 14.84
C CYS G 127 16.87 12.31 13.96
N THR G 128 17.78 11.78 13.16
CA THR G 128 18.61 12.61 12.31
C THR G 128 18.41 12.16 10.88
N ARG G 129 18.02 13.07 10.01
CA ARG G 129 17.86 12.75 8.61
C ARG G 129 18.68 13.70 7.76
N THR G 130 19.34 13.16 6.75
CA THR G 130 20.28 13.91 5.92
C THR G 130 19.70 14.01 4.51
N TYR G 131 19.74 15.20 3.92
CA TYR G 131 19.23 15.40 2.56
C TYR G 131 20.32 15.97 1.66
N GLU G 132 20.23 15.67 0.36
CA GLU G 132 21.17 16.24 -0.60
C GLU G 132 20.41 17.12 -1.55
N LYS G 133 21.06 18.15 -2.09
CA LYS G 133 20.35 19.13 -2.89
C LYS G 133 20.25 18.71 -4.34
N GLU G 134 19.03 18.66 -4.88
CA GLU G 134 18.83 18.15 -6.23
C GLU G 134 19.16 19.18 -7.31
N ALA G 135 18.82 20.44 -7.07
CA ALA G 135 19.17 21.50 -8.02
C ALA G 135 18.75 21.14 -9.45
N SER H 1 -40.00 9.70 17.11
CA SER H 1 -39.52 8.92 18.24
C SER H 1 -39.47 7.42 17.91
N HIS H 2 -40.44 6.67 18.43
CA HIS H 2 -40.60 5.24 18.15
C HIS H 2 -40.15 4.80 16.76
N MET H 3 -40.36 5.66 15.76
CA MET H 3 -39.96 5.36 14.38
C MET H 3 -38.47 5.11 14.27
N VAL H 4 -37.68 5.89 15.00
CA VAL H 4 -36.24 5.74 15.01
C VAL H 4 -35.78 4.39 15.56
N ASP H 5 -36.47 3.87 16.57
CA ASP H 5 -36.10 2.59 17.17
C ASP H 5 -35.86 1.51 16.11
N ALA H 6 -36.63 1.58 15.03
CA ALA H 6 -36.55 0.57 13.97
C ALA H 6 -35.21 0.54 13.23
N PHE H 7 -34.42 1.60 13.39
CA PHE H 7 -33.12 1.69 12.70
C PHE H 7 -31.99 1.21 13.56
N LEU H 8 -32.23 1.13 14.87
CA LEU H 8 -31.17 0.83 15.84
C LEU H 8 -30.60 -0.58 15.69
N GLY H 9 -29.26 -0.66 15.64
CA GLY H 9 -28.59 -1.93 15.55
C GLY H 9 -27.40 -1.93 14.60
N THR H 10 -26.90 -3.12 14.31
CA THR H 10 -25.73 -3.27 13.48
C THR H 10 -26.14 -3.76 12.10
N TRP H 11 -25.71 -3.05 11.06
CA TRP H 11 -26.13 -3.35 9.69
C TRP H 11 -24.95 -3.67 8.79
N LYS H 12 -25.05 -4.77 8.07
CA LYS H 12 -23.98 -5.22 7.19
C LYS H 12 -24.35 -4.97 5.75
N LEU H 13 -23.47 -4.31 4.99
CA LEU H 13 -23.74 -4.09 3.57
C LEU H 13 -23.80 -5.41 2.79
N VAL H 14 -24.95 -5.70 2.17
CA VAL H 14 -25.05 -6.88 1.31
C VAL H 14 -25.19 -6.54 -0.17
N ASP H 15 -25.50 -5.28 -0.49
CA ASP H 15 -25.65 -4.94 -1.91
C ASP H 15 -25.41 -3.46 -2.19
N SER H 16 -24.96 -3.17 -3.40
CA SER H 16 -24.59 -1.81 -3.76
C SER H 16 -24.80 -1.52 -5.24
N LYS H 17 -25.31 -0.31 -5.53
CA LYS H 17 -25.56 0.09 -6.90
C LYS H 17 -25.25 1.57 -7.16
N ASN H 18 -24.34 1.79 -8.11
CA ASN H 18 -23.96 3.13 -8.55
C ASN H 18 -23.09 3.90 -7.57
N PHE H 19 -22.57 3.21 -6.55
CA PHE H 19 -21.69 3.84 -5.58
C PHE H 19 -20.50 4.53 -6.24
N ASP H 20 -19.82 3.83 -7.12
CA ASP H 20 -18.65 4.41 -7.79
C ASP H 20 -19.06 5.67 -8.58
N ASP H 21 -20.20 5.63 -9.25
CA ASP H 21 -20.67 6.81 -9.98
C ASP H 21 -20.93 7.99 -9.05
N TYR H 22 -21.53 7.69 -7.91
CA TYR H 22 -21.83 8.69 -6.91
C TYR H 22 -20.54 9.34 -6.43
N MET H 23 -19.54 8.51 -6.13
CA MET H 23 -18.24 9.01 -5.68
C MET H 23 -17.57 9.89 -6.75
N LYS H 24 -17.63 9.44 -8.00
CA LYS H 24 -17.14 10.25 -9.11
C LYS H 24 -17.83 11.62 -9.16
N SER H 25 -19.12 11.66 -8.87
CA SER H 25 -19.84 12.94 -8.94
C SER H 25 -19.37 13.89 -7.84
N LEU H 26 -18.80 13.33 -6.79
CA LEU H 26 -18.24 14.10 -5.69
C LEU H 26 -16.78 14.49 -5.92
N GLY H 27 -16.19 13.99 -7.01
CA GLY H 27 -14.81 14.31 -7.35
C GLY H 27 -13.77 13.49 -6.58
N VAL H 28 -14.18 12.35 -6.03
CA VAL H 28 -13.27 11.45 -5.34
C VAL H 28 -12.27 10.81 -6.31
N GLY H 29 -10.99 10.74 -5.92
CA GLY H 29 -9.93 10.19 -6.76
C GLY H 29 -9.96 8.67 -6.96
N PHE H 30 -9.23 8.17 -7.95
CA PHE H 30 -9.30 6.72 -8.23
C PHE H 30 -8.86 5.87 -7.06
N ALA H 31 -7.73 6.24 -6.45
CA ALA H 31 -7.19 5.42 -5.38
C ALA H 31 -8.23 5.25 -4.28
N THR H 32 -8.80 6.35 -3.83
CA THR H 32 -9.83 6.32 -2.79
C THR H 32 -11.06 5.55 -3.23
N ARG H 33 -11.52 5.82 -4.45
CA ARG H 33 -12.71 5.15 -4.96
C ARG H 33 -12.60 3.61 -4.95
N GLN H 34 -11.47 3.10 -5.42
CA GLN H 34 -11.19 1.67 -5.39
C GLN H 34 -11.32 1.11 -3.97
N VAL H 35 -10.59 1.68 -3.03
CA VAL H 35 -10.62 1.18 -1.68
C VAL H 35 -12.03 1.25 -1.08
N ALA H 36 -12.70 2.39 -1.27
CA ALA H 36 -14.05 2.55 -0.76
C ALA H 36 -15.06 1.62 -1.46
N SER H 37 -14.90 1.41 -2.76
CA SER H 37 -15.75 0.49 -3.51
C SER H 37 -15.69 -0.96 -3.02
N MET H 38 -14.48 -1.42 -2.70
CA MET H 38 -14.25 -2.83 -2.46
C MET H 38 -14.57 -3.33 -1.03
N THR H 39 -14.58 -2.42 -0.07
CA THR H 39 -14.97 -2.79 1.30
C THR H 39 -16.46 -3.07 1.35
N LYS H 40 -16.87 -3.82 2.36
CA LYS H 40 -18.28 -3.96 2.69
C LYS H 40 -18.42 -3.50 4.13
N PRO H 41 -18.88 -2.27 4.31
CA PRO H 41 -18.86 -1.65 5.64
C PRO H 41 -19.92 -2.18 6.58
N THR H 42 -19.65 -2.06 7.87
CA THR H 42 -20.65 -2.27 8.90
C THR H 42 -21.11 -0.90 9.39
N THR H 43 -22.41 -0.72 9.53
CA THR H 43 -22.93 0.52 10.09
C THR H 43 -23.70 0.20 11.36
N ILE H 44 -23.39 0.96 12.41
CA ILE H 44 -24.03 0.75 13.71
C ILE H 44 -24.81 2.00 14.06
N ILE H 45 -26.10 1.84 14.33
CA ILE H 45 -26.95 2.97 14.67
C ILE H 45 -27.43 2.85 16.11
N GLU H 46 -27.14 3.86 16.92
CA GLU H 46 -27.46 3.81 18.34
C GLU H 46 -28.13 5.08 18.86
N LYS H 47 -28.77 4.99 20.01
CA LYS H 47 -29.48 6.13 20.56
C LYS H 47 -29.31 6.17 22.07
N ASN H 48 -28.75 7.27 22.57
CA ASN H 48 -28.62 7.48 24.00
C ASN H 48 -29.40 8.73 24.37
N GLY H 49 -30.65 8.55 24.74
CA GLY H 49 -31.51 9.69 25.04
C GLY H 49 -31.74 10.56 23.82
N ASP H 50 -31.29 11.80 23.90
CA ASP H 50 -31.56 12.79 22.86
C ASP H 50 -30.72 12.57 21.60
N ILE H 51 -29.66 11.77 21.76
CA ILE H 51 -28.55 11.73 20.82
C ILE H 51 -28.46 10.46 19.98
N LEU H 52 -28.62 10.61 18.66
CA LEU H 52 -28.39 9.50 17.74
C LEU H 52 -26.91 9.43 17.36
N THR H 53 -26.44 8.22 17.08
CA THR H 53 -25.07 8.03 16.61
C THR H 53 -25.06 7.05 15.47
N LEU H 54 -24.37 7.40 14.39
CA LEU H 54 -24.14 6.45 13.30
C LEU H 54 -22.65 6.21 13.13
N LYS H 55 -22.25 4.94 13.22
CA LYS H 55 -20.85 4.58 12.98
C LYS H 55 -20.71 3.76 11.72
N THR H 56 -19.68 4.03 10.93
CA THR H 56 -19.29 3.05 9.93
C THR H 56 -17.88 2.48 10.23
N HIS H 57 -17.80 1.15 10.31
CA HIS H 57 -16.52 0.46 10.47
C HIS H 57 -16.26 -0.32 9.19
N SER H 58 -15.05 -0.16 8.65
CA SER H 58 -14.68 -0.88 7.44
C SER H 58 -13.16 -0.99 7.36
N THR H 59 -12.67 -1.75 6.40
CA THR H 59 -11.23 -1.88 6.18
C THR H 59 -10.69 -0.63 5.50
N PHE H 60 -11.60 0.17 4.94
CA PHE H 60 -11.26 1.48 4.39
C PHE H 60 -11.06 2.51 5.52
N LYS H 61 -12.05 2.67 6.39
CA LYS H 61 -12.06 3.81 7.27
C LYS H 61 -13.19 3.67 8.29
N ASN H 62 -12.97 4.21 9.48
CA ASN H 62 -14.02 4.32 10.47
C ASN H 62 -14.50 5.76 10.49
N THR H 63 -15.82 5.93 10.55
CA THR H 63 -16.40 7.25 10.76
C THR H 63 -17.47 7.14 11.82
N GLU H 64 -17.76 8.27 12.46
CA GLU H 64 -18.82 8.34 13.44
C GLU H 64 -19.37 9.76 13.44
N ILE H 65 -20.68 9.87 13.57
CA ILE H 65 -21.29 11.18 13.76
C ILE H 65 -22.30 11.07 14.89
N SER H 66 -22.34 12.10 15.74
CA SER H 66 -23.37 12.21 16.77
C SER H 66 -24.21 13.44 16.54
N PHE H 67 -25.50 13.35 16.80
CA PHE H 67 -26.38 14.45 16.48
C PHE H 67 -27.76 14.30 17.13
N LYS H 68 -28.46 15.42 17.23
CA LYS H 68 -29.85 15.42 17.63
C LYS H 68 -30.68 15.65 16.37
N LEU H 69 -31.86 15.04 16.30
CA LEU H 69 -32.73 15.28 15.15
C LEU H 69 -33.05 16.77 15.02
N GLY H 70 -32.92 17.30 13.81
CA GLY H 70 -33.35 18.65 13.53
C GLY H 70 -32.39 19.72 14.00
N VAL H 71 -31.20 19.31 14.45
CA VAL H 71 -30.18 20.28 14.84
C VAL H 71 -28.97 20.19 13.92
N GLU H 72 -28.65 21.30 13.26
CA GLU H 72 -27.51 21.35 12.34
C GLU H 72 -26.21 21.04 13.07
N PHE H 73 -25.29 20.34 12.40
CA PHE H 73 -23.98 20.07 12.97
C PHE H 73 -22.95 19.99 11.86
N ASP H 74 -21.70 20.26 12.21
CA ASP H 74 -20.62 20.13 11.23
C ASP H 74 -20.19 18.67 11.10
N GLU H 75 -19.78 18.30 9.90
CA GLU H 75 -19.35 16.93 9.65
C GLU H 75 -18.20 16.92 8.65
N THR H 76 -17.27 16.01 8.90
CA THR H 76 -16.19 15.75 7.96
C THR H 76 -16.43 14.36 7.41
N THR H 77 -16.73 14.27 6.12
CA THR H 77 -17.15 13.01 5.52
C THR H 77 -15.96 12.07 5.25
N ALA H 78 -16.25 10.82 4.92
CA ALA H 78 -15.21 9.82 4.69
C ALA H 78 -14.24 10.24 3.59
N ASP H 79 -14.76 10.89 2.54
CA ASP H 79 -13.92 11.45 1.48
C ASP H 79 -13.45 12.87 1.83
N ASP H 80 -13.58 13.23 3.11
CA ASP H 80 -13.03 14.47 3.65
C ASP H 80 -13.63 15.77 3.12
N ARG H 81 -14.92 15.76 2.83
CA ARG H 81 -15.63 17.02 2.60
C ARG H 81 -15.95 17.61 3.96
N LYS H 82 -15.97 18.93 4.04
CA LYS H 82 -16.34 19.62 5.26
C LYS H 82 -17.74 20.14 5.04
N VAL H 83 -18.72 19.46 5.60
CA VAL H 83 -20.11 19.81 5.29
C VAL H 83 -20.91 20.26 6.52
N LYS H 84 -21.98 21.00 6.25
CA LYS H 84 -23.00 21.27 7.25
C LYS H 84 -24.11 20.22 7.11
N SER H 85 -24.41 19.53 8.21
CA SER H 85 -25.36 18.42 8.16
C SER H 85 -26.55 18.63 9.05
N ILE H 86 -27.67 18.06 8.62
CA ILE H 86 -28.86 17.97 9.47
C ILE H 86 -29.61 16.68 9.14
N VAL H 87 -30.03 15.97 10.17
CA VAL H 87 -30.80 14.75 9.99
C VAL H 87 -32.22 14.95 10.54
N THR H 88 -33.20 14.51 9.77
CA THR H 88 -34.59 14.66 10.14
C THR H 88 -35.32 13.35 9.91
N LEU H 89 -36.57 13.28 10.35
CA LEU H 89 -37.39 12.09 10.21
C LEU H 89 -38.64 12.46 9.44
N ASP H 90 -38.74 12.03 8.17
CA ASP H 90 -39.92 12.26 7.34
C ASP H 90 -40.75 10.99 7.28
N GLY H 91 -41.61 10.81 8.28
CA GLY H 91 -42.36 9.59 8.41
C GLY H 91 -41.46 8.45 8.86
N GLY H 92 -41.22 7.49 7.96
CA GLY H 92 -40.36 6.36 8.26
C GLY H 92 -38.95 6.46 7.66
N LYS H 93 -38.65 7.62 7.05
CA LYS H 93 -37.38 7.84 6.39
C LYS H 93 -36.47 8.71 7.23
N LEU H 94 -35.27 8.20 7.53
CA LEU H 94 -34.24 9.00 8.17
C LEU H 94 -33.47 9.74 7.09
N VAL H 95 -33.68 11.07 7.03
CA VAL H 95 -33.15 11.92 5.96
C VAL H 95 -31.94 12.77 6.41
N HIS H 96 -30.77 12.49 5.82
CA HIS H 96 -29.51 13.19 6.14
C HIS H 96 -29.10 14.09 4.99
N LEU H 97 -29.05 15.39 5.25
CA LEU H 97 -28.69 16.36 4.21
C LEU H 97 -27.33 17.00 4.51
N GLN H 98 -26.42 16.98 3.53
CA GLN H 98 -25.12 17.61 3.71
C GLN H 98 -24.98 18.74 2.73
N LYS H 99 -24.63 19.93 3.23
CA LYS H 99 -24.40 21.07 2.36
C LYS H 99 -22.95 21.53 2.43
N TRP H 100 -22.42 22.01 1.32
CA TRP H 100 -21.07 22.56 1.28
C TRP H 100 -20.85 23.25 -0.06
N ASP H 101 -20.08 24.34 -0.09
CA ASP H 101 -19.63 24.94 -1.37
C ASP H 101 -20.71 24.99 -2.45
N GLY H 102 -21.88 25.47 -2.09
CA GLY H 102 -22.99 25.53 -3.04
C GLY H 102 -23.34 24.20 -3.71
N GLN H 103 -23.08 23.10 -3.02
CA GLN H 103 -23.58 21.79 -3.44
C GLN H 103 -24.32 21.15 -2.30
N GLU H 104 -25.13 20.14 -2.61
CA GLU H 104 -25.67 19.33 -1.56
C GLU H 104 -25.80 17.87 -1.97
N THR H 105 -25.91 16.99 -0.98
CA THR H 105 -26.20 15.60 -1.24
C THR H 105 -27.12 15.14 -0.12
N THR H 106 -28.07 14.27 -0.44
CA THR H 106 -28.97 13.70 0.57
C THR H 106 -28.78 12.19 0.71
N LEU H 107 -28.80 11.72 1.95
CA LEU H 107 -28.60 10.32 2.24
C LEU H 107 -29.83 9.91 3.01
N VAL H 108 -30.70 9.15 2.35
CA VAL H 108 -31.96 8.72 2.94
C VAL H 108 -31.90 7.26 3.32
N ARG H 109 -32.27 6.95 4.55
CA ARG H 109 -32.30 5.58 4.98
C ARG H 109 -33.74 5.23 5.33
N GLU H 110 -34.19 4.07 4.90
CA GLU H 110 -35.51 3.59 5.23
C GLU H 110 -35.48 2.07 5.28
N LEU H 111 -36.42 1.51 6.04
CA LEU H 111 -36.48 0.07 6.23
C LEU H 111 -37.53 -0.50 5.31
N ILE H 112 -37.15 -1.55 4.57
CA ILE H 112 -38.04 -2.19 3.61
C ILE H 112 -37.84 -3.68 3.66
N ASP H 113 -38.88 -4.41 4.04
CA ASP H 113 -38.79 -5.87 4.12
C ASP H 113 -37.66 -6.28 5.02
N GLY H 114 -37.51 -5.57 6.13
CA GLY H 114 -36.53 -5.92 7.13
C GLY H 114 -35.10 -5.51 6.81
N LYS H 115 -34.88 -5.01 5.60
CA LYS H 115 -33.55 -4.52 5.24
C LYS H 115 -33.48 -3.00 5.35
N LEU H 116 -32.29 -2.48 5.62
CA LEU H 116 -32.08 -1.03 5.62
C LEU H 116 -31.57 -0.60 4.26
N ILE H 117 -32.30 0.31 3.62
CA ILE H 117 -31.93 0.80 2.31
C ILE H 117 -31.40 2.22 2.39
N LEU H 118 -30.14 2.41 2.02
CA LEU H 118 -29.54 3.75 1.99
C LEU H 118 -29.53 4.22 0.56
N THR H 119 -30.07 5.41 0.33
CA THR H 119 -30.08 6.01 -0.99
C THR H 119 -29.29 7.32 -0.96
N LEU H 120 -28.22 7.39 -1.74
CA LEU H 120 -27.37 8.57 -1.78
C LEU H 120 -27.59 9.27 -3.12
N THR H 121 -27.96 10.54 -3.07
CA THR H 121 -28.26 11.32 -4.27
C THR H 121 -27.37 12.55 -4.31
N HIS H 122 -26.65 12.72 -5.42
CA HIS H 122 -25.89 13.93 -5.66
C HIS H 122 -25.96 14.23 -7.15
N GLY H 123 -26.62 15.31 -7.50
CA GLY H 123 -26.91 15.58 -8.90
C GLY H 123 -27.70 14.46 -9.58
N THR H 124 -27.22 14.03 -10.74
CA THR H 124 -27.85 12.95 -11.47
C THR H 124 -27.43 11.59 -10.91
N ALA H 125 -26.46 11.60 -10.01
CA ALA H 125 -25.97 10.35 -9.41
C ALA H 125 -26.85 9.87 -8.25
N VAL H 126 -27.53 8.77 -8.48
CA VAL H 126 -28.34 8.14 -7.44
C VAL H 126 -27.79 6.76 -7.11
N CYS H 127 -27.39 6.57 -5.85
CA CYS H 127 -26.78 5.31 -5.43
C CYS H 127 -27.65 4.61 -4.39
N THR H 128 -27.79 3.29 -4.52
CA THR H 128 -28.61 2.54 -3.57
C THR H 128 -27.75 1.53 -2.84
N ARG H 129 -27.79 1.59 -1.52
CA ARG H 129 -27.01 0.69 -0.69
C ARG H 129 -27.86 -0.10 0.30
N THR H 130 -27.72 -1.43 0.25
CA THR H 130 -28.62 -2.32 0.96
C THR H 130 -27.93 -3.06 2.08
N TYR H 131 -28.52 -3.03 3.27
CA TYR H 131 -27.91 -3.63 4.45
C TYR H 131 -28.84 -4.64 5.09
N GLU H 132 -28.26 -5.71 5.63
CA GLU H 132 -29.01 -6.65 6.42
C GLU H 132 -28.66 -6.48 7.87
N LYS H 133 -29.61 -6.80 8.74
CA LYS H 133 -29.42 -6.60 10.17
C LYS H 133 -28.66 -7.79 10.75
N GLU H 134 -27.52 -7.49 11.39
CA GLU H 134 -26.65 -8.50 11.94
C GLU H 134 -27.18 -9.00 13.27
N ALA H 135 -27.68 -8.06 14.07
CA ALA H 135 -28.27 -8.42 15.36
C ALA H 135 -27.32 -9.28 16.19
#